data_5T3D
#
_entry.id   5T3D
#
_cell.length_a   127.711
_cell.length_b   127.711
_cell.length_c   186.940
_cell.angle_alpha   90.00
_cell.angle_beta   90.00
_cell.angle_gamma   90.00
#
_symmetry.space_group_name_H-M   'P 41 21 2'
#
loop_
_entity.id
_entity.type
_entity.pdbx_description
1 polymer 'Enterobactin synthase component F'
2 non-polymer "5'-({[(2R,3S)-3-amino-4-hydroxy-2-{[2-({N-[(2R)-2-hydroxy-3,3-dimethyl-4-(phosphonooxy)butanoyl]-beta-alanyl}amino)ethyl]sulfanyl}butyl]sulfonyl}amino)-5'-deoxyadenosine"
3 water water
#
_entity_poly.entity_id   1
_entity_poly.type   'polypeptide(L)'
_entity_poly.pdbx_seq_one_letter_code
;GHMSQHLPLVAAQPGIWMAEKLSELPSAWSVAHYVELTGEVDSPLLARAVVAGLAQADTLRMRFTEDNGEVWQWVDDALT
FELPEIIDLRTNIDPHGTAQALMQADLQQDLRVDSGKPLVFHQLIQVADNRWYWYQRYHHLLVDGFSFPAITRQIANIYC
TWLRGEPTPASPFTPFADVVEEYQQYRESEAWQRDAAFWAEQRRQLPPPASLSPAPLPGRSASADILRLKLEFTDGEFRQ
LATQLSGVQRTDLALALAALWLGRLCNRMDYAAGFIFMRRLGSAALTATGPVLNVLPLGIHIAAQETLPELATRLAAQLK
KMRRHQRYDAEQIVRDSGRAAGDEPLFGPVLNIKVFDYQLDIPDVQAQTHTLATGPVNDLELALFPDVHGDLSIEILANK
QRYDEPTLIQHAERLKMLIAQFAADPALLCGDVDIMLPGEYAQLAQLNATQVEIPETTLSALVAEQAAKTPDAPALADAR
YLFSYREMREQVVALANLLRERGVKPGDSVAVALPRSVFLTLALHAIVEAGAAWLPLDTGYPDDRLKMMLEDARPSLLIT
TDDQLPRFSDVPNLTSLCYNAPLTPQGSAPLQLSQPHHTAYIIFTSGSTGRPKGVMVGQTAIVNRLLWMQNHYPLTGEDV
VAQKTPCSFDVSVWEFFWPFIAGAKLVMAEPEAHRDPLAMQQFFAEYGVTTTHFVPSMLAAFVASLTPQTARQSCATLKQ
VFCSGEALPADLCREWQQLTGAPLHNLYGPTEAAVDVSWYPAFGEELAQVRGSSVPIGYPVWNTGLRILDAMMHPVPPGV
AGDLYLTGIQLAQGYLGRPDLTASRFIADPFAPGERMYRTGDVARWLDNGAVEYLGRSDDQLKIRGQRIELGEIDRVMQA
LPDVEQAVTHACVINQAAATGGDARQLVGYLVSQSGLPLDTSALQAQLRETLPPHMVPVVLLQLPQLPLSANGKLDRKAL
PLPELKAQAPGRAPKAGSETIIAAAFSSLLGCDVQDADADFFALGGHSLLAMKLAAQLSRQVARQVTPGQVMVASTVAKL
ATIIDAEEDSTRRMGFETILPLREGNGPTLFCFHPASGFAWQFSVLSRYLDPQWSIIGIQSPRPNGPMQTAANLDEVCEA
HLATLLEQQPHGPYYLLGYSLGGTLAQGIAARLRARGEQVAFLGLLDTWPPETQNWQEKEANGLDPEVLAEINREREAFL
AAQQGSTSTELFTTIEGNYADAVRLLTTAHSVPFDGKATLFVAERTLQEGMSPERAWSPWIAELDIYRQDCAHVDIISPG
TFEKIGPIIRATLNR
;
_entity_poly.pdbx_strand_id   A
#
# COMPACT_ATOMS: atom_id res chain seq x y z
N HIS A 6 -5.72 13.54 44.94
CA HIS A 6 -4.57 13.47 45.83
C HIS A 6 -3.27 13.05 45.10
N LEU A 7 -3.37 12.18 44.07
CA LEU A 7 -2.23 11.48 43.45
C LEU A 7 -2.24 11.56 41.93
N PRO A 8 -1.06 11.56 41.27
CA PRO A 8 -1.00 11.50 39.80
C PRO A 8 -1.19 10.10 39.24
N LEU A 9 -1.73 10.04 38.01
CA LEU A 9 -1.78 8.79 37.26
C LEU A 9 -0.36 8.28 37.02
N VAL A 10 -0.12 6.97 37.23
CA VAL A 10 1.23 6.41 37.16
C VAL A 10 1.27 5.13 36.36
N ALA A 11 2.50 4.73 35.99
CA ALA A 11 2.80 3.42 35.38
C ALA A 11 1.94 3.23 34.14
N ALA A 12 1.02 2.27 34.12
CA ALA A 12 0.32 2.01 32.89
C ALA A 12 -0.82 3.00 32.66
N GLN A 13 -1.28 3.68 33.74
CA GLN A 13 -2.44 4.57 33.62
C GLN A 13 -2.25 5.71 32.63
N PRO A 14 -1.17 6.50 32.65
CA PRO A 14 -1.13 7.64 31.73
C PRO A 14 -1.24 7.23 30.28
N GLY A 15 -0.81 6.03 29.95
CA GLY A 15 -0.93 5.50 28.60
C GLY A 15 -2.35 5.02 28.34
N ILE A 16 -2.95 4.45 29.37
CA ILE A 16 -4.31 3.93 29.25
C ILE A 16 -5.30 5.08 29.12
N TRP A 17 -4.96 6.21 29.73
CA TRP A 17 -5.80 7.40 29.67
C TRP A 17 -5.85 8.00 28.25
N MET A 18 -4.70 8.45 27.72
CA MET A 18 -4.67 8.99 26.36
C MET A 18 -5.26 8.02 25.35
N ALA A 19 -5.12 6.72 25.60
CA ALA A 19 -5.59 5.72 24.67
C ALA A 19 -7.11 5.70 24.58
N GLU A 20 -7.81 6.02 25.68
CA GLU A 20 -9.27 6.05 25.63
C GLU A 20 -9.81 7.38 25.12
N LYS A 21 -9.15 8.50 25.44
CA LYS A 21 -9.54 9.80 24.92
C LYS A 21 -9.71 9.74 23.40
N LEU A 22 -8.78 9.05 22.73
CA LEU A 22 -8.82 8.90 21.27
C LEU A 22 -9.66 7.70 20.81
N SER A 23 -9.95 6.76 21.69
CA SER A 23 -10.88 5.69 21.34
C SER A 23 -12.25 6.26 21.02
N GLU A 24 -12.96 5.59 20.11
CA GLU A 24 -14.28 6.02 19.68
C GLU A 24 -15.29 4.88 19.85
N LEU A 25 -15.11 4.11 20.92
CA LEU A 25 -15.93 2.92 21.19
C LEU A 25 -16.45 2.99 22.62
N PRO A 26 -17.55 2.27 22.92
CA PRO A 26 -18.15 2.42 24.25
C PRO A 26 -17.32 1.83 25.40
N SER A 27 -16.60 0.73 25.21
CA SER A 27 -15.95 0.09 26.34
C SER A 27 -14.68 -0.64 25.92
N ALA A 28 -13.89 0.01 25.06
CA ALA A 28 -12.65 -0.60 24.59
C ALA A 28 -11.68 -0.89 25.73
N TRP A 29 -11.78 -0.18 26.88
CA TRP A 29 -10.81 -0.33 27.96
C TRP A 29 -11.42 -0.89 29.25
N SER A 30 -12.45 -1.73 29.17
CA SER A 30 -12.94 -2.39 30.38
C SER A 30 -12.68 -3.89 30.27
N VAL A 31 -11.75 -4.41 31.09
CA VAL A 31 -11.53 -5.85 31.19
C VAL A 31 -12.74 -6.52 31.79
N ALA A 32 -13.05 -7.71 31.30
CA ALA A 32 -14.15 -8.46 31.88
C ALA A 32 -13.94 -9.94 31.61
N HIS A 33 -14.52 -10.76 32.45
CA HIS A 33 -14.47 -12.19 32.30
C HIS A 33 -15.47 -12.78 33.28
N TYR A 34 -15.76 -14.06 33.12
CA TYR A 34 -16.59 -14.76 34.09
C TYR A 34 -15.91 -16.03 34.52
N VAL A 35 -16.27 -16.52 35.70
CA VAL A 35 -15.77 -17.82 36.15
C VAL A 35 -16.93 -18.81 36.28
N GLU A 36 -16.73 -20.05 35.81
CA GLU A 36 -17.77 -21.09 35.70
C GLU A 36 -17.62 -22.01 36.90
N LEU A 37 -18.34 -21.66 37.96
CA LEU A 37 -18.42 -22.46 39.16
C LEU A 37 -19.44 -23.60 39.00
N THR A 38 -19.06 -24.78 39.48
CA THR A 38 -19.78 -26.02 39.22
C THR A 38 -20.01 -26.74 40.54
N GLY A 39 -21.26 -26.70 41.03
CA GLY A 39 -21.63 -27.34 42.30
C GLY A 39 -22.54 -26.50 43.20
N GLU A 40 -22.81 -26.96 44.42
CA GLU A 40 -23.66 -26.20 45.32
C GLU A 40 -22.91 -24.95 45.78
N VAL A 41 -23.57 -23.78 45.71
CA VAL A 41 -22.93 -22.51 46.06
C VAL A 41 -23.89 -21.66 46.90
N ASP A 42 -23.39 -21.13 48.02
CA ASP A 42 -24.14 -20.21 48.88
C ASP A 42 -24.07 -18.82 48.26
N SER A 43 -25.00 -18.55 47.36
CA SER A 43 -24.96 -17.30 46.59
C SER A 43 -25.15 -16.04 47.44
N PRO A 44 -26.05 -15.96 48.43
CA PRO A 44 -26.14 -14.71 49.18
C PRO A 44 -24.90 -14.40 49.98
N LEU A 45 -24.21 -15.46 50.42
CA LEU A 45 -22.95 -15.31 51.15
C LEU A 45 -21.82 -14.86 50.22
N LEU A 46 -21.65 -15.53 49.09
CA LEU A 46 -20.74 -15.07 48.06
C LEU A 46 -21.04 -13.65 47.58
N ALA A 47 -22.32 -13.25 47.52
CA ALA A 47 -22.62 -11.85 47.27
C ALA A 47 -21.97 -10.98 48.33
N ARG A 48 -22.16 -11.32 49.61
CA ARG A 48 -21.55 -10.59 50.71
C ARG A 48 -20.02 -10.58 50.61
N ALA A 49 -19.43 -11.73 50.22
CA ALA A 49 -17.97 -11.83 50.08
C ALA A 49 -17.45 -10.92 49.00
N VAL A 50 -18.20 -10.77 47.92
CA VAL A 50 -17.73 -9.90 46.85
C VAL A 50 -17.57 -8.48 47.40
N VAL A 51 -18.49 -8.05 48.24
CA VAL A 51 -18.44 -6.70 48.76
C VAL A 51 -17.22 -6.49 49.65
N ALA A 52 -16.98 -7.42 50.57
CA ALA A 52 -15.82 -7.27 51.45
C ALA A 52 -14.52 -7.35 50.66
N GLY A 53 -14.47 -8.20 49.64
CA GLY A 53 -13.28 -8.30 48.81
C GLY A 53 -12.96 -7.01 48.10
N LEU A 54 -13.97 -6.43 47.43
CA LEU A 54 -13.78 -5.21 46.66
C LEU A 54 -13.33 -4.03 47.53
N ALA A 55 -13.74 -3.99 48.79
CA ALA A 55 -13.23 -2.98 49.70
C ALA A 55 -11.72 -3.08 49.93
N GLN A 56 -11.14 -4.28 49.89
CA GLN A 56 -9.73 -4.42 50.22
C GLN A 56 -8.81 -3.97 49.10
N ALA A 57 -9.36 -3.76 47.89
CA ALA A 57 -8.62 -3.27 46.73
C ALA A 57 -8.83 -1.77 46.64
N ASP A 58 -7.88 -1.01 47.19
CA ASP A 58 -8.07 0.44 47.31
C ASP A 58 -8.29 1.07 45.95
N THR A 59 -7.75 0.46 44.92
CA THR A 59 -7.75 1.00 43.59
C THR A 59 -9.14 0.87 42.92
N LEU A 60 -10.04 0.03 43.46
CA LEU A 60 -11.40 -0.03 42.93
C LEU A 60 -12.27 1.17 43.34
N ARG A 61 -11.98 1.84 44.47
CA ARG A 61 -12.65 3.08 44.86
C ARG A 61 -11.96 4.33 44.31
N MET A 62 -11.16 4.19 43.26
CA MET A 62 -10.41 5.32 42.74
C MET A 62 -11.32 6.23 41.93
N ARG A 63 -11.20 7.53 42.13
CA ARG A 63 -11.99 8.51 41.40
C ARG A 63 -11.03 9.47 40.71
N PHE A 64 -11.48 10.02 39.58
CA PHE A 64 -10.61 10.80 38.72
C PHE A 64 -11.22 12.17 38.48
N THR A 65 -10.36 13.13 38.13
CA THR A 65 -10.88 14.46 37.86
C THR A 65 -10.03 15.16 36.80
N GLU A 66 -10.69 16.01 36.03
CA GLU A 66 -10.07 16.83 34.98
C GLU A 66 -9.53 18.11 35.60
N ASP A 67 -8.24 18.12 35.91
CA ASP A 67 -7.61 19.26 36.58
C ASP A 67 -7.00 20.25 35.56
N ASN A 68 -7.87 20.79 34.70
CA ASN A 68 -7.50 21.75 33.65
C ASN A 68 -6.35 21.23 32.78
N GLY A 69 -6.50 20.02 32.27
CA GLY A 69 -5.45 19.39 31.50
C GLY A 69 -4.74 18.30 32.29
N GLU A 70 -4.24 18.66 33.47
CA GLU A 70 -3.69 17.68 34.40
C GLU A 70 -4.76 16.67 34.81
N VAL A 71 -4.34 15.42 35.05
CA VAL A 71 -5.26 14.37 35.44
C VAL A 71 -4.82 13.78 36.79
N TRP A 72 -5.78 13.69 37.73
CA TRP A 72 -5.51 13.37 39.12
C TRP A 72 -6.45 12.32 39.66
N GLN A 73 -5.94 11.51 40.57
CA GLN A 73 -6.69 10.42 41.15
C GLN A 73 -6.56 10.44 42.67
N TRP A 74 -7.53 9.80 43.30
CA TRP A 74 -7.67 9.81 44.75
C TRP A 74 -8.68 8.71 45.09
N VAL A 75 -8.45 7.99 46.18
CA VAL A 75 -9.35 6.91 46.55
C VAL A 75 -10.40 7.47 47.51
N ASP A 76 -11.67 7.23 47.19
CA ASP A 76 -12.78 7.72 48.01
C ASP A 76 -13.04 6.69 49.11
N ASP A 77 -12.47 6.93 50.30
CA ASP A 77 -12.73 6.05 51.44
C ASP A 77 -14.19 6.08 51.86
N ALA A 78 -14.99 7.01 51.29
CA ALA A 78 -16.42 7.17 51.57
C ALA A 78 -17.30 6.25 50.74
N LEU A 79 -16.81 5.79 49.59
CA LEU A 79 -17.61 4.96 48.69
C LEU A 79 -17.92 3.59 49.30
N THR A 80 -19.18 3.20 49.18
CA THR A 80 -19.67 1.90 49.66
C THR A 80 -20.04 1.07 48.46
N PHE A 81 -19.77 -0.23 48.54
CA PHE A 81 -19.92 -1.07 47.36
C PHE A 81 -21.30 -1.69 47.23
N GLU A 82 -21.65 -1.97 45.97
CA GLU A 82 -22.84 -2.72 45.61
C GLU A 82 -22.92 -4.04 46.37
N LEU A 83 -24.10 -4.44 46.71
CA LEU A 83 -24.10 -5.90 46.77
C LEU A 83 -24.40 -6.44 45.37
N PRO A 84 -23.72 -7.49 44.89
CA PRO A 84 -23.97 -7.96 43.52
C PRO A 84 -25.38 -8.49 43.38
N GLU A 85 -25.93 -8.36 42.18
CA GLU A 85 -27.29 -8.85 41.98
C GLU A 85 -27.18 -10.28 41.48
N ILE A 86 -27.82 -11.21 42.21
CA ILE A 86 -28.02 -12.56 41.72
C ILE A 86 -29.17 -12.56 40.72
N ILE A 87 -28.99 -13.28 39.62
CA ILE A 87 -29.99 -13.36 38.57
C ILE A 87 -30.45 -14.80 38.46
N ASP A 88 -31.77 -14.99 38.58
CA ASP A 88 -32.46 -16.27 38.72
C ASP A 88 -32.67 -16.98 37.39
N LEU A 89 -32.11 -16.45 36.30
CA LEU A 89 -32.18 -17.09 34.99
C LEU A 89 -31.64 -18.52 35.06
N ARG A 90 -32.50 -19.46 35.48
CA ARG A 90 -32.19 -20.88 35.49
C ARG A 90 -33.33 -21.64 34.82
N THR A 91 -34.33 -22.07 35.58
CA THR A 91 -35.54 -22.67 35.00
C THR A 91 -36.42 -21.57 34.42
N ASN A 92 -35.88 -20.89 33.41
CA ASN A 92 -36.60 -19.82 32.72
C ASN A 92 -36.43 -20.00 31.22
N ILE A 93 -35.80 -19.02 30.56
CA ILE A 93 -35.50 -19.17 29.14
C ILE A 93 -34.58 -20.37 28.96
N ASP A 94 -34.82 -21.15 27.90
CA ASP A 94 -34.10 -22.40 27.72
C ASP A 94 -32.58 -22.22 27.65
N PRO A 95 -32.02 -21.45 26.72
CA PRO A 95 -30.55 -21.38 26.64
C PRO A 95 -29.95 -20.73 27.88
N HIS A 96 -28.79 -21.24 28.29
CA HIS A 96 -27.82 -20.56 29.15
C HIS A 96 -26.93 -19.63 28.36
N GLY A 97 -27.19 -19.48 27.07
CA GLY A 97 -26.63 -18.36 26.33
C GLY A 97 -27.42 -17.07 26.45
N THR A 98 -28.62 -17.14 27.01
CA THR A 98 -29.27 -15.92 27.45
C THR A 98 -28.43 -15.19 28.50
N ALA A 99 -27.75 -15.95 29.37
CA ALA A 99 -26.79 -15.34 30.29
C ALA A 99 -25.58 -14.76 29.56
N GLN A 100 -25.08 -15.46 28.53
CA GLN A 100 -23.99 -14.91 27.74
C GLN A 100 -24.41 -13.65 26.99
N ALA A 101 -25.68 -13.58 26.58
CA ALA A 101 -26.21 -12.33 26.06
C ALA A 101 -26.28 -11.26 27.14
N LEU A 102 -26.66 -11.63 28.37
CA LEU A 102 -26.70 -10.66 29.45
C LEU A 102 -25.30 -10.10 29.76
N MET A 103 -24.27 -10.95 29.64
CA MET A 103 -22.89 -10.48 29.79
C MET A 103 -22.46 -9.63 28.60
N GLN A 104 -22.61 -10.16 27.38
CA GLN A 104 -22.23 -9.38 26.20
C GLN A 104 -22.94 -8.02 26.18
N ALA A 105 -24.16 -7.94 26.73
CA ALA A 105 -24.90 -6.68 26.79
C ALA A 105 -24.31 -5.70 27.80
N ASP A 106 -23.64 -6.21 28.85
CA ASP A 106 -23.02 -5.33 29.83
C ASP A 106 -21.94 -4.48 29.19
N LEU A 107 -21.23 -5.02 28.21
CA LEU A 107 -20.13 -4.32 27.55
C LEU A 107 -20.57 -3.44 26.36
N GLN A 108 -21.87 -3.49 25.96
CA GLN A 108 -22.35 -2.57 24.93
C GLN A 108 -22.73 -1.21 25.50
N GLN A 109 -22.75 -1.08 26.84
CA GLN A 109 -22.98 0.19 27.52
C GLN A 109 -21.78 1.13 27.35
N ASP A 110 -21.98 2.42 27.69
CA ASP A 110 -20.90 3.41 27.68
C ASP A 110 -20.16 3.34 29.02
N LEU A 111 -19.10 2.54 29.06
CA LEU A 111 -18.32 2.30 30.29
C LEU A 111 -17.04 3.10 30.35
N ARG A 112 -16.87 4.11 29.48
CA ARG A 112 -15.74 5.02 29.58
C ARG A 112 -15.84 5.84 30.84
N VAL A 113 -14.70 6.34 31.31
CA VAL A 113 -14.66 7.13 32.56
C VAL A 113 -15.68 8.25 32.50
N ASP A 114 -15.64 9.05 31.44
CA ASP A 114 -16.40 10.28 31.36
C ASP A 114 -17.90 10.04 31.50
N SER A 115 -18.36 8.82 31.22
CA SER A 115 -19.78 8.51 31.28
C SER A 115 -20.35 8.61 32.69
N GLY A 116 -19.50 8.60 33.71
CA GLY A 116 -19.96 8.70 35.06
C GLY A 116 -20.60 7.46 35.62
N LYS A 117 -20.77 6.41 34.80
CA LYS A 117 -21.15 5.12 35.34
C LYS A 117 -20.01 4.57 36.23
N PRO A 118 -20.33 3.65 37.16
CA PRO A 118 -19.28 3.09 38.03
C PRO A 118 -18.35 2.17 37.26
N LEU A 119 -17.10 2.12 37.72
CA LEU A 119 -16.10 1.46 36.90
C LEU A 119 -15.90 0.00 37.25
N VAL A 120 -16.61 -0.54 38.23
CA VAL A 120 -16.48 -1.95 38.54
C VAL A 120 -17.87 -2.55 38.68
N PHE A 121 -18.02 -3.80 38.23
CA PHE A 121 -19.32 -4.46 38.21
C PHE A 121 -19.19 -5.98 38.38
N HIS A 122 -20.04 -6.53 39.23
CA HIS A 122 -20.14 -7.98 39.41
C HIS A 122 -21.61 -8.36 39.41
N GLN A 123 -21.91 -9.56 38.95
CA GLN A 123 -23.19 -10.17 39.27
C GLN A 123 -23.07 -11.68 39.09
N LEU A 124 -23.96 -12.38 39.82
CA LEU A 124 -23.98 -13.83 39.93
C LEU A 124 -25.14 -14.41 39.14
N ILE A 125 -24.86 -15.37 38.26
CA ILE A 125 -25.85 -15.96 37.36
C ILE A 125 -25.71 -17.47 37.35
N GLN A 126 -26.85 -18.18 37.28
CA GLN A 126 -26.80 -19.60 36.88
C GLN A 126 -28.15 -20.21 36.53
N VAL A 127 -29.11 -20.23 37.45
CA VAL A 127 -29.01 -19.61 38.79
C VAL A 127 -28.82 -20.63 39.91
N ALA A 128 -28.66 -21.91 39.55
CA ALA A 128 -28.28 -22.98 40.48
C ALA A 128 -28.30 -24.33 39.77
N ASP A 129 -28.17 -24.33 38.45
CA ASP A 129 -28.20 -25.55 37.67
C ASP A 129 -27.01 -26.46 37.95
N ASN A 130 -26.65 -26.65 39.23
CA ASN A 130 -25.38 -27.29 39.64
C ASN A 130 -24.17 -26.68 38.93
N ARG A 131 -24.32 -25.46 38.40
CA ARG A 131 -23.27 -24.69 37.73
C ARG A 131 -23.61 -23.21 37.94
N TRP A 132 -22.62 -22.34 37.72
CA TRP A 132 -22.78 -20.90 37.96
C TRP A 132 -21.85 -20.09 37.07
N TYR A 133 -22.35 -18.95 36.56
CA TYR A 133 -21.53 -17.96 35.85
C TYR A 133 -21.43 -16.72 36.75
N TRP A 134 -20.22 -16.46 37.25
CA TRP A 134 -19.88 -15.29 38.05
C TRP A 134 -19.15 -14.28 37.17
N TYR A 135 -19.79 -13.14 36.97
CA TYR A 135 -19.31 -12.17 35.99
C TYR A 135 -18.63 -11.01 36.67
N GLN A 136 -17.53 -10.53 36.07
CA GLN A 136 -16.69 -9.46 36.62
C GLN A 136 -16.17 -8.55 35.51
N ARG A 137 -16.33 -7.22 35.66
CA ARG A 137 -15.67 -6.26 34.79
C ARG A 137 -15.10 -5.10 35.61
N TYR A 138 -13.91 -4.64 35.19
CA TYR A 138 -13.26 -3.47 35.74
C TYR A 138 -12.76 -2.58 34.60
N HIS A 139 -12.73 -1.27 34.85
CA HIS A 139 -12.03 -0.43 33.90
C HIS A 139 -10.54 -0.71 33.99
N HIS A 140 -9.86 -0.72 32.82
CA HIS A 140 -8.45 -1.09 32.81
C HIS A 140 -7.56 -0.04 33.46
N LEU A 141 -8.08 1.13 33.80
CA LEU A 141 -7.31 2.05 34.64
C LEU A 141 -7.16 1.59 36.08
N LEU A 142 -7.92 0.59 36.53
CA LEU A 142 -7.81 0.17 37.91
C LEU A 142 -7.11 -1.17 38.09
N VAL A 143 -6.89 -1.94 37.02
CA VAL A 143 -6.57 -3.35 37.19
C VAL A 143 -5.70 -3.84 36.02
N ASP A 144 -4.59 -4.54 36.34
CA ASP A 144 -3.79 -5.32 35.38
C ASP A 144 -4.45 -6.65 35.08
N GLY A 145 -3.95 -7.35 34.09
CA GLY A 145 -4.33 -8.75 33.99
C GLY A 145 -3.74 -9.62 35.08
N PHE A 146 -2.87 -9.06 35.90
CA PHE A 146 -2.23 -9.74 37.03
C PHE A 146 -2.97 -9.53 38.35
N SER A 147 -3.71 -8.42 38.51
CA SER A 147 -4.38 -8.15 39.79
C SER A 147 -5.85 -8.61 39.83
N PHE A 148 -6.60 -8.61 38.72
CA PHE A 148 -7.99 -8.99 38.90
C PHE A 148 -8.15 -10.46 39.27
N PRO A 149 -7.32 -11.38 38.75
CA PRO A 149 -7.45 -12.77 39.23
C PRO A 149 -7.08 -12.88 40.70
N ALA A 150 -6.15 -12.03 41.16
CA ALA A 150 -5.86 -11.87 42.58
C ALA A 150 -7.06 -11.34 43.37
N ILE A 151 -7.79 -10.38 42.82
CA ILE A 151 -8.97 -9.89 43.52
C ILE A 151 -10.01 -10.98 43.61
N THR A 152 -10.20 -11.73 42.52
CA THR A 152 -11.13 -12.82 42.57
C THR A 152 -10.72 -13.83 43.63
N ARG A 153 -9.42 -14.20 43.65
CA ARG A 153 -8.98 -15.20 44.62
C ARG A 153 -9.26 -14.75 46.03
N GLN A 154 -9.14 -13.45 46.29
CA GLN A 154 -9.38 -12.95 47.65
C GLN A 154 -10.86 -12.97 48.00
N ILE A 155 -11.73 -12.61 47.05
CA ILE A 155 -13.16 -12.80 47.29
C ILE A 155 -13.45 -14.27 47.59
N ALA A 156 -12.74 -15.18 46.91
CA ALA A 156 -12.99 -16.60 47.16
C ALA A 156 -12.38 -17.06 48.49
N ASN A 157 -11.29 -16.43 48.89
CA ASN A 157 -10.71 -16.67 50.22
C ASN A 157 -11.64 -16.17 51.32
N ILE A 158 -12.17 -14.96 51.17
CA ILE A 158 -13.13 -14.45 52.13
C ILE A 158 -14.36 -15.36 52.19
N TYR A 159 -14.94 -15.66 51.03
CA TYR A 159 -16.06 -16.59 50.97
C TYR A 159 -15.74 -17.89 51.72
N CYS A 160 -14.65 -18.57 51.34
CA CYS A 160 -14.34 -19.87 51.94
C CYS A 160 -14.13 -19.76 53.44
N THR A 161 -13.47 -18.68 53.87
CA THR A 161 -13.22 -18.46 55.28
C THR A 161 -14.53 -18.35 56.06
N TRP A 162 -15.48 -17.60 55.52
CA TRP A 162 -16.76 -17.42 56.21
C TRP A 162 -17.47 -18.76 56.43
N LEU A 163 -17.51 -19.60 55.40
CA LEU A 163 -18.05 -20.95 55.53
C LEU A 163 -17.46 -21.72 56.72
N ARG A 164 -16.16 -21.53 57.02
CA ARG A 164 -15.55 -22.19 58.18
C ARG A 164 -16.01 -21.61 59.52
N GLY A 165 -16.69 -20.47 59.53
CA GLY A 165 -16.97 -19.72 60.74
C GLY A 165 -15.79 -18.95 61.28
N GLU A 166 -15.05 -18.26 60.44
CA GLU A 166 -13.85 -17.60 60.89
C GLU A 166 -13.87 -16.14 60.46
N PRO A 167 -13.21 -15.26 61.21
CA PRO A 167 -13.33 -13.84 60.90
C PRO A 167 -12.84 -13.55 59.50
N THR A 168 -13.39 -12.49 58.93
CA THR A 168 -13.01 -12.03 57.61
C THR A 168 -11.50 -11.96 57.52
N PRO A 169 -10.90 -12.54 56.49
CA PRO A 169 -9.44 -12.44 56.32
C PRO A 169 -8.99 -11.00 56.10
N ALA A 170 -7.76 -10.73 56.53
CA ALA A 170 -7.21 -9.42 56.31
C ALA A 170 -6.81 -9.24 54.83
N SER A 171 -6.74 -7.96 54.43
CA SER A 171 -6.40 -7.63 53.06
C SER A 171 -4.98 -8.09 52.73
N PRO A 172 -4.76 -8.62 51.53
CA PRO A 172 -3.39 -8.95 51.12
C PRO A 172 -2.82 -7.85 50.25
N PHE A 173 -3.46 -6.68 50.25
CA PHE A 173 -3.18 -5.65 49.26
C PHE A 173 -2.41 -4.45 49.81
N THR A 174 -1.25 -4.19 49.21
CA THR A 174 -0.48 -2.96 49.39
C THR A 174 -1.26 -1.77 48.80
N PRO A 175 -1.22 -0.62 49.48
CA PRO A 175 -1.82 0.58 48.90
C PRO A 175 -1.14 0.95 47.59
N PHE A 176 -1.97 1.27 46.59
CA PHE A 176 -1.41 1.71 45.31
C PHE A 176 -0.61 3.00 45.46
N ALA A 177 -0.87 3.78 46.52
CA ALA A 177 -0.10 5.00 46.75
C ALA A 177 1.38 4.72 46.89
N ASP A 178 1.76 3.58 47.46
CA ASP A 178 3.18 3.30 47.62
C ASP A 178 3.84 3.13 46.25
N VAL A 179 3.08 2.64 45.28
CA VAL A 179 3.53 2.57 43.89
C VAL A 179 3.83 3.97 43.34
N VAL A 180 2.91 4.92 43.58
CA VAL A 180 3.12 6.31 43.14
C VAL A 180 4.43 6.86 43.69
N GLU A 181 4.64 6.67 44.99
CA GLU A 181 5.91 7.09 45.56
C GLU A 181 7.08 6.43 44.86
N GLU A 182 6.95 5.13 44.56
CA GLU A 182 8.05 4.41 43.96
C GLU A 182 8.46 5.06 42.65
N TYR A 183 7.47 5.47 41.86
CA TYR A 183 7.80 6.11 40.59
C TYR A 183 8.06 7.60 40.76
N GLN A 184 7.33 8.27 41.66
CA GLN A 184 7.66 9.67 41.92
C GLN A 184 9.08 9.79 42.44
N GLN A 185 9.53 8.82 43.25
CA GLN A 185 10.94 8.78 43.65
C GLN A 185 11.83 8.30 42.50
N TYR A 186 11.28 7.49 41.58
CA TYR A 186 12.06 7.02 40.43
C TYR A 186 12.19 8.06 39.34
N ARG A 187 11.10 8.76 39.00
CA ARG A 187 11.16 9.82 37.99
C ARG A 187 12.12 10.93 38.41
N GLU A 188 12.32 11.11 39.71
CA GLU A 188 13.34 11.99 40.29
C GLU A 188 14.50 11.14 40.82
N SER A 189 15.25 10.54 39.89
CA SER A 189 16.38 9.66 40.21
C SER A 189 17.30 9.57 39.00
N GLU A 190 18.56 9.18 39.24
CA GLU A 190 19.51 9.05 38.15
C GLU A 190 19.17 7.90 37.19
N ALA A 191 18.39 6.91 37.63
CA ALA A 191 18.04 5.81 36.73
C ALA A 191 17.10 6.24 35.61
N TRP A 192 16.26 7.24 35.86
CA TRP A 192 15.43 7.84 34.82
C TRP A 192 16.26 8.41 33.68
N GLN A 193 17.32 9.16 34.03
CA GLN A 193 18.22 9.71 33.03
C GLN A 193 19.03 8.60 32.33
N ARG A 194 19.38 7.54 33.06
CA ARG A 194 19.99 6.38 32.42
C ARG A 194 18.99 5.65 31.50
N ASP A 195 17.77 5.40 31.98
CA ASP A 195 16.75 4.71 31.18
C ASP A 195 16.34 5.53 29.96
N ALA A 196 16.11 6.83 30.11
CA ALA A 196 15.81 7.66 28.95
C ALA A 196 16.89 7.51 27.87
N ALA A 197 18.16 7.57 28.27
CA ALA A 197 19.28 7.45 27.32
C ALA A 197 19.29 6.10 26.60
N PHE A 198 19.00 5.02 27.32
CA PHE A 198 18.99 3.71 26.67
C PHE A 198 17.90 3.64 25.59
N TRP A 199 16.66 3.99 25.94
CA TRP A 199 15.54 3.87 25.01
C TRP A 199 15.66 4.85 23.85
N ALA A 200 16.32 5.99 24.09
CA ALA A 200 16.63 6.88 22.99
C ALA A 200 17.64 6.26 22.02
N GLU A 201 18.55 5.39 22.51
CA GLU A 201 19.42 4.68 21.58
C GLU A 201 18.66 3.56 20.87
N GLN A 202 17.74 2.92 21.59
CA GLN A 202 16.85 1.95 20.98
C GLN A 202 16.01 2.56 19.88
N ARG A 203 15.55 3.80 20.04
CA ARG A 203 14.78 4.47 18.98
C ARG A 203 15.63 4.70 17.74
N ARG A 204 16.87 5.17 17.90
CA ARG A 204 17.73 5.40 16.76
C ARG A 204 18.00 4.10 16.00
N GLN A 205 18.06 2.96 16.69
CA GLN A 205 18.42 1.70 16.08
C GLN A 205 17.22 0.82 15.74
N LEU A 206 16.02 1.29 16.02
CA LEU A 206 14.85 0.41 16.00
C LEU A 206 14.36 0.23 14.57
N PRO A 207 14.08 -0.98 14.14
CA PRO A 207 13.54 -1.19 12.78
C PRO A 207 12.09 -0.75 12.72
N PRO A 208 11.57 -0.49 11.53
CA PRO A 208 10.22 0.03 11.42
C PRO A 208 9.21 -1.05 11.75
N PRO A 209 7.97 -0.65 12.03
CA PRO A 209 6.92 -1.63 12.33
C PRO A 209 6.54 -2.41 11.09
N ALA A 210 5.98 -3.58 11.33
CA ALA A 210 5.56 -4.44 10.26
C ALA A 210 4.39 -5.29 10.74
N SER A 211 3.48 -5.59 9.82
CA SER A 211 2.30 -6.37 10.13
C SER A 211 2.06 -7.35 8.99
N LEU A 212 1.35 -8.45 9.32
CA LEU A 212 0.91 -9.37 8.27
C LEU A 212 -0.19 -8.76 7.41
N SER A 213 -1.03 -7.91 7.99
CA SER A 213 -1.95 -7.15 7.16
C SER A 213 -1.19 -6.10 6.37
N PRO A 214 -1.47 -5.98 5.07
CA PRO A 214 -0.91 -4.86 4.29
C PRO A 214 -1.44 -3.48 4.69
N ALA A 215 -2.64 -3.42 5.27
CA ALA A 215 -3.24 -2.13 5.64
C ALA A 215 -2.40 -1.47 6.73
N PRO A 216 -2.39 -0.14 6.77
CA PRO A 216 -1.54 0.58 7.74
C PRO A 216 -2.02 0.40 9.17
N LEU A 217 -1.07 0.46 10.12
CA LEU A 217 -1.37 0.16 11.53
C LEU A 217 -2.22 1.27 12.17
N PRO A 218 -3.32 0.93 12.82
CA PRO A 218 -4.17 1.96 13.41
C PRO A 218 -3.59 2.42 14.74
N GLY A 219 -3.48 3.73 14.90
CA GLY A 219 -3.05 4.29 16.17
C GLY A 219 -4.16 4.55 17.16
N ARG A 220 -5.41 4.29 16.82
CA ARG A 220 -6.52 4.70 17.66
C ARG A 220 -7.71 3.80 17.40
N SER A 221 -8.55 3.65 18.44
CA SER A 221 -9.95 3.24 18.30
C SER A 221 -10.09 1.77 17.87
N ALA A 222 -9.08 0.94 18.15
CA ALA A 222 -9.17 -0.48 17.79
C ALA A 222 -10.23 -1.17 18.66
N SER A 223 -10.81 -2.24 18.12
CA SER A 223 -11.89 -2.92 18.80
C SER A 223 -11.36 -3.74 19.96
N ALA A 224 -12.10 -3.74 21.08
CA ALA A 224 -11.72 -4.62 22.19
C ALA A 224 -12.26 -6.04 22.00
N ASP A 225 -13.14 -6.21 21.01
CA ASP A 225 -13.59 -7.52 20.55
C ASP A 225 -12.63 -8.01 19.50
N ILE A 226 -12.01 -9.14 19.76
CA ILE A 226 -10.93 -9.63 18.93
C ILE A 226 -11.14 -11.11 18.68
N LEU A 227 -10.36 -11.62 17.73
CA LEU A 227 -10.22 -13.06 17.63
C LEU A 227 -9.34 -13.55 18.77
N ARG A 228 -9.66 -14.71 19.31
CA ARG A 228 -8.91 -15.23 20.45
C ARG A 228 -8.71 -16.72 20.17
N LEU A 229 -7.70 -17.03 19.35
CA LEU A 229 -7.35 -18.42 19.05
C LEU A 229 -6.49 -19.01 20.15
N LYS A 230 -6.73 -20.29 20.43
CA LYS A 230 -5.94 -21.04 21.38
C LYS A 230 -5.58 -22.37 20.74
N LEU A 231 -4.29 -22.68 20.70
CA LEU A 231 -3.77 -23.84 19.97
C LEU A 231 -2.75 -24.59 20.81
N GLU A 232 -2.85 -25.92 20.78
CA GLU A 232 -1.93 -26.77 21.50
C GLU A 232 -1.18 -27.64 20.50
N PHE A 233 0.14 -27.75 20.68
CA PHE A 233 0.99 -28.45 19.73
C PHE A 233 1.31 -29.83 20.31
N THR A 234 0.60 -30.82 19.78
CA THR A 234 0.67 -32.20 20.24
C THR A 234 1.78 -32.99 19.57
N ASP A 235 2.39 -32.47 18.51
CA ASP A 235 3.35 -33.26 17.74
C ASP A 235 4.54 -33.71 18.58
N GLY A 236 4.86 -32.96 19.65
CA GLY A 236 6.07 -33.20 20.41
C GLY A 236 7.36 -32.93 19.68
N GLU A 237 7.32 -32.45 18.43
CA GLU A 237 8.56 -32.05 17.77
C GLU A 237 9.22 -30.89 18.51
N PHE A 238 8.44 -30.03 19.15
CA PHE A 238 9.05 -29.04 20.03
C PHE A 238 9.81 -29.73 21.18
N ARG A 239 9.24 -30.78 21.77
CA ARG A 239 9.96 -31.52 22.82
C ARG A 239 11.30 -32.04 22.30
N GLN A 240 11.29 -32.71 21.13
CA GLN A 240 12.53 -33.24 20.53
C GLN A 240 13.48 -32.12 20.17
N LEU A 241 12.97 -30.91 20.03
CA LEU A 241 13.80 -29.79 19.59
C LEU A 241 14.58 -29.23 20.77
N ALA A 242 13.87 -28.95 21.87
CA ALA A 242 14.53 -28.40 23.05
C ALA A 242 15.58 -29.35 23.59
N THR A 243 15.26 -30.65 23.64
CA THR A 243 16.23 -31.61 24.17
C THR A 243 17.40 -31.84 23.22
N GLN A 244 17.22 -31.56 21.93
CA GLN A 244 18.33 -31.73 21.01
C GLN A 244 19.29 -30.55 21.03
N LEU A 245 18.88 -29.42 21.61
CA LEU A 245 19.74 -28.26 21.82
C LEU A 245 20.13 -28.11 23.29
N SER A 246 19.16 -27.98 24.19
CA SER A 246 19.33 -27.99 25.65
C SER A 246 20.38 -26.99 26.15
N GLY A 247 20.67 -25.96 25.35
CA GLY A 247 21.45 -24.84 25.82
C GLY A 247 20.57 -23.61 25.88
N VAL A 248 19.59 -23.54 24.96
CA VAL A 248 18.63 -22.46 25.02
C VAL A 248 17.65 -22.76 26.15
N GLN A 249 17.04 -21.71 26.70
CA GLN A 249 16.22 -21.83 27.91
C GLN A 249 14.72 -21.98 27.60
N ARG A 250 14.37 -22.85 26.64
CA ARG A 250 13.00 -23.25 26.31
C ARG A 250 12.16 -22.06 25.87
N THR A 251 11.96 -21.11 26.80
CA THR A 251 11.26 -19.87 26.46
C THR A 251 11.98 -19.14 25.35
N ASP A 252 13.30 -19.07 25.44
CA ASP A 252 14.10 -18.45 24.38
C ASP A 252 13.86 -19.11 23.02
N LEU A 253 13.71 -20.44 22.99
CA LEU A 253 13.49 -21.16 21.74
C LEU A 253 12.14 -20.80 21.14
N ALA A 254 11.08 -20.89 21.93
CA ALA A 254 9.77 -20.51 21.40
C ALA A 254 9.78 -19.09 20.85
N LEU A 255 10.46 -18.17 21.52
CA LEU A 255 10.53 -16.79 21.03
C LEU A 255 11.20 -16.70 19.67
N ALA A 256 12.33 -17.38 19.49
CA ALA A 256 13.07 -17.32 18.23
C ALA A 256 12.27 -17.93 17.09
N LEU A 257 11.56 -19.03 17.34
CA LEU A 257 10.63 -19.58 16.36
C LEU A 257 9.55 -18.58 16.03
N ALA A 258 8.98 -17.93 17.03
CA ALA A 258 7.95 -16.95 16.76
C ALA A 258 8.50 -15.78 15.96
N ALA A 259 9.77 -15.45 16.17
CA ALA A 259 10.36 -14.34 15.42
C ALA A 259 10.58 -14.70 13.95
N LEU A 260 11.01 -15.93 13.68
CA LEU A 260 11.12 -16.38 12.30
C LEU A 260 9.76 -16.41 11.64
N TRP A 261 8.76 -16.87 12.39
CA TRP A 261 7.43 -17.06 11.84
C TRP A 261 6.80 -15.72 11.47
N LEU A 262 6.91 -14.73 12.36
CA LEU A 262 6.35 -13.41 12.07
C LEU A 262 7.10 -12.69 10.95
N GLY A 263 8.43 -12.70 11.00
CA GLY A 263 9.22 -12.16 9.90
C GLY A 263 8.79 -12.69 8.53
N ARG A 264 8.56 -14.01 8.44
CA ARG A 264 8.11 -14.58 7.18
C ARG A 264 6.72 -14.07 6.78
N LEU A 265 5.84 -13.83 7.74
CA LEU A 265 4.51 -13.34 7.40
C LEU A 265 4.49 -11.84 7.10
N CYS A 266 5.42 -11.08 7.72
CA CYS A 266 5.64 -9.65 7.48
C CYS A 266 6.37 -9.35 6.19
N ASN A 267 7.04 -10.32 5.59
CA ASN A 267 8.02 -10.05 4.57
C ASN A 267 9.03 -9.01 5.07
N ARG A 268 9.57 -9.28 6.25
CA ARG A 268 10.58 -8.44 6.88
C ARG A 268 11.61 -9.33 7.57
N MET A 269 12.88 -8.96 7.44
CA MET A 269 13.95 -9.58 8.20
C MET A 269 14.38 -8.71 9.35
N ASP A 270 13.91 -7.47 9.36
CA ASP A 270 14.12 -6.53 10.46
C ASP A 270 12.79 -5.84 10.71
N TYR A 271 12.20 -6.05 11.89
CA TYR A 271 10.93 -5.39 12.21
C TYR A 271 10.82 -5.21 13.71
N ALA A 272 9.93 -4.33 14.09
CA ALA A 272 9.75 -4.00 15.50
C ALA A 272 8.50 -4.68 16.00
N ALA A 273 8.66 -5.38 17.11
CA ALA A 273 7.55 -6.04 17.80
C ALA A 273 7.51 -5.57 19.24
N GLY A 274 6.39 -5.83 19.88
CA GLY A 274 6.21 -5.47 21.27
C GLY A 274 6.41 -6.67 22.17
N PHE A 275 6.88 -6.36 23.38
CA PHE A 275 7.07 -7.39 24.39
C PHE A 275 6.52 -6.88 25.71
N ILE A 276 5.84 -7.76 26.46
CA ILE A 276 5.06 -7.39 27.64
C ILE A 276 5.86 -7.68 28.89
N PHE A 277 6.16 -6.64 29.67
CA PHE A 277 6.73 -6.79 31.00
C PHE A 277 5.68 -6.54 32.06
N MET A 278 5.57 -7.47 33.02
CA MET A 278 4.53 -7.36 34.04
C MET A 278 4.87 -6.38 35.18
N ARG A 279 6.14 -6.09 35.41
CA ARG A 279 6.57 -5.13 36.44
C ARG A 279 5.96 -5.37 37.83
N ARG A 280 5.79 -6.64 38.21
CA ARG A 280 5.35 -6.94 39.57
C ARG A 280 6.50 -7.32 40.50
N LEU A 281 7.32 -8.30 40.15
CA LEU A 281 8.40 -8.69 41.06
C LEU A 281 9.39 -7.54 41.23
N GLY A 282 9.97 -7.43 42.42
CA GLY A 282 10.86 -6.32 42.69
C GLY A 282 10.18 -4.99 42.99
N SER A 283 8.86 -4.89 42.87
CA SER A 283 8.16 -3.62 43.00
C SER A 283 7.24 -3.64 44.20
N ALA A 284 7.02 -2.46 44.79
CA ALA A 284 5.92 -2.28 45.71
C ALA A 284 4.58 -2.61 45.04
N ALA A 285 4.56 -2.74 43.72
CA ALA A 285 3.35 -3.09 42.96
C ALA A 285 3.00 -4.56 43.05
N LEU A 286 3.94 -5.41 43.49
CA LEU A 286 3.65 -6.84 43.57
C LEU A 286 2.30 -7.10 44.25
N THR A 287 2.01 -6.35 45.31
CA THR A 287 0.78 -6.54 46.09
C THR A 287 -0.21 -5.39 45.97
N ALA A 288 0.04 -4.42 45.09
CA ALA A 288 -0.95 -3.41 44.80
C ALA A 288 -1.90 -3.91 43.71
N THR A 289 -3.09 -3.31 43.66
CA THR A 289 -4.11 -3.80 42.73
C THR A 289 -4.17 -3.05 41.40
N GLY A 290 -3.45 -1.94 41.25
CA GLY A 290 -3.57 -1.14 40.05
C GLY A 290 -2.82 -1.72 38.86
N PRO A 291 -2.92 -1.03 37.73
CA PRO A 291 -2.33 -1.53 36.48
C PRO A 291 -0.89 -1.05 36.28
N VAL A 292 0.05 -1.99 36.34
CA VAL A 292 1.49 -1.73 36.33
C VAL A 292 2.04 -2.67 35.28
N LEU A 293 2.27 -2.16 34.09
CA LEU A 293 2.30 -3.05 32.94
C LEU A 293 2.89 -2.27 31.80
N ASN A 294 3.92 -2.82 31.17
CA ASN A 294 4.63 -2.06 30.15
C ASN A 294 4.87 -2.91 28.92
N VAL A 295 4.36 -2.47 27.79
CA VAL A 295 4.65 -3.11 26.54
C VAL A 295 5.75 -2.29 25.88
N LEU A 296 6.91 -2.94 25.62
CA LEU A 296 8.10 -2.21 25.16
C LEU A 296 8.57 -2.67 23.78
N PRO A 297 9.17 -1.76 23.00
CA PRO A 297 9.57 -2.11 21.63
C PRO A 297 10.77 -3.03 21.64
N LEU A 298 10.70 -4.09 20.84
CA LEU A 298 11.79 -5.03 20.69
C LEU A 298 12.21 -5.09 19.22
N GLY A 299 13.49 -4.78 18.94
CA GLY A 299 13.98 -4.83 17.58
C GLY A 299 14.41 -6.21 17.09
N ILE A 300 13.65 -6.77 16.15
CA ILE A 300 13.91 -8.12 15.66
C ILE A 300 14.77 -8.03 14.42
N HIS A 301 15.88 -8.74 14.43
CA HIS A 301 16.76 -8.78 13.26
C HIS A 301 17.02 -10.24 12.91
N ILE A 302 16.28 -10.77 11.95
CA ILE A 302 16.62 -12.08 11.41
C ILE A 302 17.89 -12.02 10.57
N ALA A 303 18.81 -12.93 10.84
CA ALA A 303 20.05 -13.05 10.08
C ALA A 303 20.02 -14.36 9.31
N ALA A 304 20.11 -14.28 7.98
CA ALA A 304 19.99 -15.50 7.17
C ALA A 304 21.06 -16.53 7.51
N GLN A 305 22.28 -16.11 7.83
CA GLN A 305 23.38 -17.05 8.05
C GLN A 305 23.45 -17.61 9.48
N GLU A 306 22.56 -17.19 10.38
CA GLU A 306 22.58 -17.68 11.76
C GLU A 306 21.82 -19.01 11.91
N THR A 307 22.18 -19.75 12.94
CA THR A 307 21.39 -20.89 13.32
C THR A 307 20.35 -20.46 14.35
N LEU A 308 19.42 -21.36 14.65
CA LEU A 308 18.30 -21.00 15.53
C LEU A 308 18.73 -20.64 16.95
N PRO A 309 19.64 -21.37 17.61
CA PRO A 309 20.08 -20.93 18.94
C PRO A 309 20.82 -19.59 18.95
N GLU A 310 21.59 -19.26 17.89
CA GLU A 310 22.16 -17.92 17.82
C GLU A 310 21.06 -16.86 17.89
N LEU A 311 19.97 -17.03 17.13
CA LEU A 311 18.81 -16.12 17.22
C LEU A 311 18.28 -16.04 18.64
N ALA A 312 18.03 -17.17 19.27
CA ALA A 312 17.56 -17.16 20.65
C ALA A 312 18.50 -16.37 21.56
N THR A 313 19.81 -16.52 21.35
CA THR A 313 20.78 -15.92 22.27
C THR A 313 20.78 -14.40 22.15
N ARG A 314 20.88 -13.88 20.94
CA ARG A 314 20.87 -12.43 20.78
C ARG A 314 19.53 -11.82 21.21
N LEU A 315 18.44 -12.59 21.10
CA LEU A 315 17.14 -12.11 21.55
C LEU A 315 17.10 -11.99 23.06
N ALA A 316 17.57 -13.03 23.74
CA ALA A 316 17.52 -13.02 25.20
C ALA A 316 18.48 -12.00 25.75
N ALA A 317 19.62 -11.82 25.07
CA ALA A 317 20.53 -10.76 25.48
C ALA A 317 19.81 -9.41 25.47
N GLN A 318 19.02 -9.16 24.43
CA GLN A 318 18.32 -7.89 24.36
C GLN A 318 17.19 -7.82 25.36
N LEU A 319 16.44 -8.92 25.52
CA LEU A 319 15.38 -8.93 26.51
C LEU A 319 15.91 -8.75 27.92
N LYS A 320 17.09 -9.34 28.24
CA LYS A 320 17.74 -9.04 29.50
C LYS A 320 18.03 -7.55 29.60
N LYS A 321 18.73 -6.98 28.61
CA LYS A 321 19.02 -5.55 28.62
C LYS A 321 17.74 -4.72 28.74
N MET A 322 16.66 -5.11 28.06
CA MET A 322 15.41 -4.36 28.18
C MET A 322 14.86 -4.44 29.59
N ARG A 323 14.85 -5.64 30.17
CA ARG A 323 14.38 -5.83 31.53
C ARG A 323 15.05 -4.86 32.52
N ARG A 324 16.34 -4.52 32.35
CA ARG A 324 16.99 -3.59 33.26
C ARG A 324 16.36 -2.19 33.20
N HIS A 325 15.76 -1.83 32.07
CA HIS A 325 15.24 -0.48 31.85
C HIS A 325 13.73 -0.47 31.76
N GLN A 326 13.07 -1.51 32.27
CA GLN A 326 11.64 -1.68 32.03
C GLN A 326 10.80 -0.63 32.77
N ARG A 327 11.38 0.04 33.77
CA ARG A 327 10.66 1.02 34.57
C ARG A 327 10.25 2.26 33.79
N TYR A 328 10.91 2.53 32.65
CA TYR A 328 10.63 3.69 31.81
C TYR A 328 9.36 3.39 31.02
N ASP A 329 8.29 4.13 31.30
CA ASP A 329 7.00 3.85 30.67
C ASP A 329 7.07 4.11 29.17
N ALA A 330 6.62 3.10 28.40
CA ALA A 330 6.60 3.19 26.94
C ALA A 330 5.98 4.48 26.47
N GLU A 331 4.92 4.90 27.14
CA GLU A 331 4.29 6.18 26.82
C GLU A 331 5.31 7.31 26.78
N GLN A 332 6.31 7.27 27.66
CA GLN A 332 7.31 8.33 27.69
C GLN A 332 8.17 8.29 26.44
N ILE A 333 8.46 7.09 25.94
CA ILE A 333 9.23 6.93 24.71
C ILE A 333 8.56 7.63 23.55
N VAL A 334 7.23 7.54 23.47
CA VAL A 334 6.47 8.16 22.39
C VAL A 334 6.74 9.66 22.32
N ARG A 335 6.47 10.38 23.40
CA ARG A 335 6.66 11.82 23.37
C ARG A 335 8.12 12.21 23.23
N ASP A 336 9.05 11.31 23.60
CA ASP A 336 10.47 11.58 23.33
C ASP A 336 10.72 11.67 21.83
N SER A 337 10.14 10.74 21.06
CA SER A 337 10.02 10.86 19.62
C SER A 337 9.03 11.98 19.27
N GLY A 338 9.16 12.50 18.04
CA GLY A 338 8.26 13.54 17.58
C GLY A 338 6.80 13.11 17.52
N ARG A 339 6.56 11.82 17.37
CA ARG A 339 5.20 11.31 17.21
C ARG A 339 4.36 11.63 18.44
N ALA A 340 3.09 11.94 18.23
CA ALA A 340 2.21 12.19 19.36
C ALA A 340 0.76 12.08 18.92
N ALA A 341 -0.08 11.50 19.79
CA ALA A 341 -1.52 11.49 19.68
C ALA A 341 -2.02 10.87 18.37
N GLY A 342 -2.23 9.55 18.38
CA GLY A 342 -2.70 8.83 17.22
C GLY A 342 -1.70 8.67 16.10
N ASP A 343 -0.41 8.87 16.36
CA ASP A 343 0.63 8.68 15.36
C ASP A 343 0.98 7.19 15.23
N GLU A 344 1.64 6.85 14.11
CA GLU A 344 1.87 5.44 13.75
C GLU A 344 2.68 4.74 14.83
N PRO A 345 2.27 3.54 15.25
CA PRO A 345 2.89 2.92 16.43
C PRO A 345 4.34 2.56 16.18
N LEU A 346 5.05 2.30 17.29
CA LEU A 346 6.45 1.92 17.22
C LEU A 346 6.64 0.45 16.84
N PHE A 347 5.61 -0.39 16.99
CA PHE A 347 5.70 -1.81 16.68
C PHE A 347 4.32 -2.32 16.32
N GLY A 348 4.28 -3.50 15.69
CA GLY A 348 3.04 -4.09 15.21
C GLY A 348 2.56 -5.23 16.08
N PRO A 349 3.10 -6.43 15.83
CA PRO A 349 2.78 -7.56 16.71
C PRO A 349 3.32 -7.36 18.12
N VAL A 350 2.67 -8.03 19.08
CA VAL A 350 3.06 -7.99 20.49
C VAL A 350 3.22 -9.41 21.00
N LEU A 351 4.40 -9.72 21.51
CA LEU A 351 4.72 -11.04 22.03
C LEU A 351 4.60 -11.09 23.55
N ASN A 352 4.31 -12.29 24.06
CA ASN A 352 3.97 -12.42 25.46
C ASN A 352 4.25 -13.84 25.96
N ILE A 353 4.65 -13.94 27.24
CA ILE A 353 4.76 -15.23 27.92
C ILE A 353 3.76 -15.43 29.05
N LYS A 354 3.17 -14.39 29.64
CA LYS A 354 2.33 -14.60 30.83
C LYS A 354 1.07 -15.43 30.55
N VAL A 355 0.66 -16.22 31.58
CA VAL A 355 -0.41 -17.23 31.61
C VAL A 355 -1.75 -16.83 30.98
N PHE A 356 -2.55 -17.84 30.61
CA PHE A 356 -3.87 -17.60 30.02
C PHE A 356 -5.06 -17.85 30.96
N ASP A 357 -4.85 -18.30 32.20
CA ASP A 357 -5.95 -18.57 33.12
C ASP A 357 -5.42 -18.68 34.54
N TYR A 358 -6.28 -18.47 35.54
CA TYR A 358 -5.88 -18.72 36.91
C TYR A 358 -6.94 -19.50 37.62
N GLN A 359 -6.53 -20.12 38.72
CA GLN A 359 -7.29 -21.17 39.34
C GLN A 359 -7.88 -20.71 40.67
N LEU A 360 -8.83 -21.50 41.18
CA LEU A 360 -9.52 -21.26 42.44
C LEU A 360 -9.82 -22.59 43.12
N ASP A 361 -9.49 -22.68 44.40
CA ASP A 361 -9.66 -23.96 45.04
C ASP A 361 -10.79 -23.93 46.07
N ILE A 362 -12.01 -23.63 45.65
CA ILE A 362 -13.13 -23.79 46.58
C ILE A 362 -13.41 -25.27 46.78
N PRO A 363 -13.48 -25.78 48.02
CA PRO A 363 -13.67 -27.21 48.24
C PRO A 363 -14.98 -27.72 47.66
N ASP A 364 -14.89 -28.84 46.94
CA ASP A 364 -16.04 -29.50 46.32
C ASP A 364 -16.72 -28.59 45.29
N VAL A 365 -15.93 -27.75 44.60
CA VAL A 365 -16.42 -26.82 43.56
C VAL A 365 -15.38 -26.57 42.46
N GLN A 366 -15.66 -27.05 41.25
CA GLN A 366 -14.81 -26.75 40.10
C GLN A 366 -15.06 -25.33 39.60
N ALA A 367 -13.98 -24.65 39.25
CA ALA A 367 -14.03 -23.28 38.74
C ALA A 367 -13.28 -23.20 37.43
N GLN A 368 -13.81 -22.42 36.49
CA GLN A 368 -13.13 -22.20 35.21
C GLN A 368 -13.26 -20.74 34.80
N THR A 369 -12.16 -20.04 34.58
CA THR A 369 -12.32 -18.69 34.06
C THR A 369 -12.52 -18.73 32.55
N HIS A 370 -13.19 -17.69 32.05
CA HIS A 370 -13.50 -17.52 30.64
C HIS A 370 -13.36 -16.04 30.33
N THR A 371 -12.39 -15.69 29.49
CA THR A 371 -12.09 -14.30 29.18
C THR A 371 -13.09 -13.73 28.18
N LEU A 372 -13.43 -12.44 28.36
CA LEU A 372 -14.37 -11.71 27.51
C LEU A 372 -13.78 -10.45 26.92
N ALA A 373 -12.94 -9.74 27.66
CA ALA A 373 -12.29 -8.56 27.12
C ALA A 373 -10.91 -8.46 27.74
N THR A 374 -9.87 -8.67 26.94
CA THR A 374 -8.53 -8.47 27.44
C THR A 374 -8.06 -7.03 27.30
N GLY A 375 -8.81 -6.19 26.57
CA GLY A 375 -8.33 -4.90 26.13
C GLY A 375 -8.18 -4.94 24.63
N PRO A 376 -8.09 -3.78 23.94
CA PRO A 376 -8.00 -3.76 22.46
C PRO A 376 -6.64 -4.20 21.95
N VAL A 377 -6.63 -4.89 20.82
CA VAL A 377 -5.38 -5.14 20.12
C VAL A 377 -5.50 -4.49 18.74
N ASN A 378 -4.56 -3.59 18.45
CA ASN A 378 -4.67 -2.83 17.21
C ASN A 378 -4.24 -3.69 16.06
N ASP A 379 -3.38 -4.67 16.31
CA ASP A 379 -2.94 -5.51 15.21
C ASP A 379 -2.96 -6.99 15.55
N LEU A 380 -1.92 -7.46 16.23
CA LEU A 380 -1.81 -8.89 16.45
C LEU A 380 -0.88 -9.18 17.64
N GLU A 381 -1.24 -10.16 18.44
CA GLU A 381 -0.56 -10.41 19.70
C GLU A 381 -0.48 -11.91 19.89
N LEU A 382 0.66 -12.37 20.34
CA LEU A 382 1.00 -13.78 20.32
C LEU A 382 1.57 -14.17 21.66
N ALA A 383 0.92 -15.10 22.35
CA ALA A 383 1.35 -15.59 23.66
C ALA A 383 1.97 -16.96 23.52
N LEU A 384 3.10 -17.17 24.17
CA LEU A 384 3.88 -18.39 24.00
C LEU A 384 4.00 -19.13 25.32
N PHE A 385 3.57 -20.41 25.35
CA PHE A 385 3.58 -21.20 26.58
C PHE A 385 4.34 -22.51 26.41
N PRO A 386 5.68 -22.49 26.60
CA PRO A 386 6.45 -23.75 26.62
C PRO A 386 6.52 -24.36 28.02
N ASP A 387 5.83 -25.47 28.25
CA ASP A 387 5.75 -26.04 29.60
C ASP A 387 7.04 -26.80 29.94
N VAL A 388 7.24 -27.03 31.24
CA VAL A 388 8.43 -27.78 31.67
C VAL A 388 8.37 -29.25 31.20
N HIS A 389 7.22 -29.72 30.73
CA HIS A 389 7.09 -31.07 30.21
C HIS A 389 7.31 -31.16 28.69
N GLY A 390 7.64 -30.04 28.03
CA GLY A 390 8.09 -30.03 26.65
C GLY A 390 7.03 -29.83 25.59
N ASP A 391 5.75 -29.82 25.97
CA ASP A 391 4.72 -29.43 25.02
C ASP A 391 4.73 -27.92 24.85
N LEU A 392 4.08 -27.48 23.78
CA LEU A 392 4.03 -26.07 23.43
C LEU A 392 2.61 -25.71 23.03
N SER A 393 2.15 -24.56 23.49
CA SER A 393 0.85 -24.04 23.12
C SER A 393 0.92 -22.53 23.00
N ILE A 394 -0.01 -21.95 22.20
CA ILE A 394 -0.01 -20.53 21.86
C ILE A 394 -1.43 -19.99 21.86
N GLU A 395 -1.53 -18.66 21.92
CA GLU A 395 -2.80 -17.94 21.95
C GLU A 395 -2.63 -16.67 21.14
N ILE A 396 -3.34 -16.61 20.01
CA ILE A 396 -3.28 -15.48 19.08
C ILE A 396 -4.47 -14.55 19.36
N LEU A 397 -4.20 -13.29 19.65
CA LEU A 397 -5.22 -12.25 19.67
C LEU A 397 -4.99 -11.39 18.43
N ALA A 398 -6.08 -10.96 17.79
CA ALA A 398 -5.96 -10.34 16.49
C ALA A 398 -7.09 -9.36 16.23
N ASN A 399 -6.75 -8.17 15.73
CA ASN A 399 -7.72 -7.18 15.30
C ASN A 399 -8.72 -7.78 14.31
N LYS A 400 -10.01 -7.65 14.64
CA LYS A 400 -11.09 -8.22 13.83
C LYS A 400 -11.21 -7.54 12.46
N GLN A 401 -10.65 -6.34 12.31
CA GLN A 401 -10.67 -5.64 11.03
C GLN A 401 -9.50 -6.00 10.12
N ARG A 402 -8.44 -6.57 10.68
CA ARG A 402 -7.22 -6.83 9.93
C ARG A 402 -6.95 -8.30 9.68
N TYR A 403 -7.72 -9.21 10.30
CA TYR A 403 -7.48 -10.64 10.13
C TYR A 403 -8.78 -11.44 10.21
N ASP A 404 -8.69 -12.72 9.84
CA ASP A 404 -9.77 -13.67 10.08
C ASP A 404 -9.20 -15.00 10.57
N GLU A 405 -10.06 -15.76 11.27
CA GLU A 405 -9.66 -17.02 11.89
C GLU A 405 -9.05 -18.02 10.91
N PRO A 406 -9.69 -18.36 9.78
CA PRO A 406 -9.19 -19.48 8.96
C PRO A 406 -7.76 -19.27 8.46
N THR A 407 -7.43 -18.07 7.98
CA THR A 407 -6.06 -17.82 7.57
C THR A 407 -5.11 -17.85 8.76
N LEU A 408 -5.55 -17.37 9.92
CA LEU A 408 -4.70 -17.46 11.10
C LEU A 408 -4.38 -18.91 11.47
N ILE A 409 -5.31 -19.82 11.22
CA ILE A 409 -5.02 -21.21 11.50
C ILE A 409 -3.96 -21.74 10.54
N GLN A 410 -4.06 -21.38 9.26
CA GLN A 410 -3.05 -21.81 8.29
C GLN A 410 -1.66 -21.32 8.71
N HIS A 411 -1.54 -20.04 9.06
CA HIS A 411 -0.25 -19.51 9.48
C HIS A 411 0.28 -20.24 10.72
N ALA A 412 -0.60 -20.55 11.68
CA ALA A 412 -0.13 -21.29 12.84
C ALA A 412 0.36 -22.68 12.46
N GLU A 413 -0.29 -23.32 11.47
CA GLU A 413 0.20 -24.61 11.04
C GLU A 413 1.59 -24.46 10.44
N ARG A 414 1.85 -23.32 9.79
CA ARG A 414 3.21 -23.03 9.40
C ARG A 414 4.13 -23.07 10.61
N LEU A 415 3.71 -22.45 11.70
CA LEU A 415 4.54 -22.45 12.91
C LEU A 415 4.80 -23.87 13.40
N LYS A 416 3.87 -24.80 13.19
CA LYS A 416 4.16 -26.20 13.48
C LYS A 416 5.20 -26.75 12.50
N MET A 417 5.18 -26.27 11.26
CA MET A 417 6.10 -26.77 10.23
C MET A 417 7.55 -26.39 10.53
N LEU A 418 7.81 -25.11 10.84
CA LEU A 418 9.12 -24.68 11.35
C LEU A 418 9.62 -25.56 12.50
N ILE A 419 8.75 -25.79 13.49
CA ILE A 419 9.14 -26.64 14.61
C ILE A 419 9.50 -28.04 14.11
N ALA A 420 8.66 -28.58 13.21
CA ALA A 420 8.94 -29.90 12.66
C ALA A 420 10.23 -29.91 11.85
N GLN A 421 10.56 -28.79 11.20
CA GLN A 421 11.76 -28.75 10.36
C GLN A 421 13.03 -28.60 11.19
N PHE A 422 12.96 -27.81 12.27
CA PHE A 422 14.09 -27.73 13.18
C PHE A 422 14.26 -29.01 13.99
N ALA A 423 13.16 -29.67 14.36
CA ALA A 423 13.21 -31.00 14.96
C ALA A 423 14.00 -32.00 14.09
N ALA A 424 13.85 -31.94 12.78
CA ALA A 424 14.58 -32.82 11.88
C ALA A 424 16.00 -32.36 11.60
N ASP A 425 16.35 -31.10 11.86
CA ASP A 425 17.69 -30.58 11.59
C ASP A 425 17.96 -29.40 12.51
N PRO A 426 18.53 -29.64 13.70
CA PRO A 426 18.89 -28.53 14.59
C PRO A 426 19.98 -27.61 14.02
N ALA A 427 20.80 -28.08 13.07
CA ALA A 427 21.83 -27.23 12.47
C ALA A 427 21.30 -26.34 11.38
N LEU A 428 19.98 -26.33 11.20
CA LEU A 428 19.34 -25.64 10.09
C LEU A 428 19.51 -24.14 10.25
N LEU A 429 19.95 -23.50 9.19
CA LEU A 429 20.10 -22.06 9.17
C LEU A 429 18.73 -21.37 9.15
N CYS A 430 18.73 -20.12 9.61
CA CYS A 430 17.51 -19.32 9.60
C CYS A 430 17.06 -19.00 8.19
N GLY A 431 17.96 -18.97 7.22
CA GLY A 431 17.56 -18.66 5.87
C GLY A 431 17.12 -19.84 5.02
N ASP A 432 17.38 -21.07 5.44
CA ASP A 432 17.03 -22.21 4.61
C ASP A 432 15.67 -22.80 4.92
N VAL A 433 14.86 -22.10 5.77
CA VAL A 433 13.58 -22.61 6.27
C VAL A 433 12.45 -22.09 5.38
N ASP A 434 11.40 -22.90 5.24
CA ASP A 434 10.32 -22.61 4.29
C ASP A 434 8.96 -22.80 4.94
N ILE A 435 8.04 -21.86 4.69
CA ILE A 435 6.70 -21.92 5.29
C ILE A 435 5.63 -22.29 4.27
N MET A 436 5.99 -23.00 3.20
CA MET A 436 5.01 -23.44 2.21
C MET A 436 4.38 -24.74 2.66
N LEU A 437 3.07 -24.72 2.84
CA LEU A 437 2.35 -25.96 3.08
C LEU A 437 2.40 -26.84 1.83
N PRO A 438 2.25 -28.14 1.99
CA PRO A 438 2.15 -29.02 0.82
C PRO A 438 0.89 -28.78 0.02
N GLY A 439 1.03 -28.80 -1.30
CA GLY A 439 -0.06 -28.47 -2.18
C GLY A 439 -0.25 -27.00 -2.40
N GLU A 440 0.37 -26.16 -1.59
CA GLU A 440 0.38 -24.76 -1.95
C GLU A 440 1.35 -24.52 -3.09
N TYR A 441 2.54 -25.13 -3.04
CA TYR A 441 3.47 -24.89 -4.13
C TYR A 441 2.96 -25.48 -5.43
N ALA A 442 2.29 -26.62 -5.35
CA ALA A 442 1.67 -27.19 -6.54
C ALA A 442 0.62 -26.27 -7.15
N GLN A 443 -0.21 -25.64 -6.31
CA GLN A 443 -1.26 -24.77 -6.85
C GLN A 443 -0.66 -23.58 -7.61
N LEU A 444 0.46 -23.03 -7.12
CA LEU A 444 1.11 -21.95 -7.85
C LEU A 444 1.74 -22.46 -9.15
N ALA A 445 2.02 -23.75 -9.23
CA ALA A 445 2.53 -24.29 -10.49
C ALA A 445 1.49 -24.15 -11.60
N GLN A 446 0.26 -24.65 -11.37
CA GLN A 446 -0.77 -24.58 -12.40
C GLN A 446 -1.06 -23.15 -12.83
N LEU A 447 -0.95 -22.19 -11.92
CA LEU A 447 -1.19 -20.80 -12.29
C LEU A 447 -0.17 -20.29 -13.28
N ASN A 448 1.06 -20.80 -13.23
CA ASN A 448 2.14 -20.40 -14.12
C ASN A 448 2.29 -21.36 -15.29
N ALA A 449 1.30 -22.21 -15.51
CA ALA A 449 1.35 -23.20 -16.58
C ALA A 449 0.65 -22.64 -17.82
N THR A 450 1.26 -21.56 -18.32
CA THR A 450 0.71 -20.78 -19.42
C THR A 450 1.41 -21.04 -20.75
N GLN A 451 2.01 -22.23 -20.91
CA GLN A 451 2.82 -22.53 -22.09
C GLN A 451 1.89 -22.72 -23.27
N VAL A 452 2.07 -21.91 -24.31
CA VAL A 452 1.22 -21.94 -25.51
C VAL A 452 2.17 -21.84 -26.67
N GLU A 453 2.27 -22.89 -27.47
CA GLU A 453 3.28 -22.95 -28.51
C GLU A 453 2.89 -22.06 -29.68
N ILE A 454 3.80 -21.16 -30.06
CA ILE A 454 3.53 -20.18 -31.10
C ILE A 454 4.63 -20.27 -32.16
N PRO A 455 4.32 -20.14 -33.45
CA PRO A 455 5.38 -20.15 -34.45
C PRO A 455 6.20 -18.88 -34.39
N GLU A 456 7.44 -18.98 -34.88
CA GLU A 456 8.29 -17.80 -34.99
C GLU A 456 7.72 -16.90 -36.06
N THR A 457 7.49 -15.64 -35.71
CA THR A 457 6.87 -14.76 -36.68
C THR A 457 7.18 -13.31 -36.30
N THR A 458 6.65 -12.39 -37.12
CA THR A 458 6.94 -10.96 -37.08
C THR A 458 5.65 -10.15 -37.13
N LEU A 459 5.67 -8.97 -36.52
CA LEU A 459 4.61 -8.01 -36.80
C LEU A 459 4.42 -7.88 -38.28
N SER A 460 5.49 -7.65 -39.01
CA SER A 460 5.34 -7.44 -40.43
C SER A 460 4.75 -8.66 -41.11
N ALA A 461 5.13 -9.85 -40.67
CA ALA A 461 4.49 -11.06 -41.16
C ALA A 461 2.97 -11.06 -40.87
N LEU A 462 2.60 -10.93 -39.60
CA LEU A 462 1.18 -11.03 -39.24
C LEU A 462 0.33 -9.99 -39.98
N VAL A 463 0.82 -8.75 -40.06
CA VAL A 463 0.09 -7.70 -40.77
C VAL A 463 -0.10 -8.06 -42.23
N ALA A 464 0.98 -8.53 -42.88
CA ALA A 464 0.88 -8.84 -44.29
C ALA A 464 -0.07 -10.00 -44.52
N GLU A 465 -0.05 -10.98 -43.61
CA GLU A 465 -0.88 -12.16 -43.80
C GLU A 465 -2.36 -11.80 -43.76
N GLN A 466 -2.73 -10.82 -42.90
CA GLN A 466 -4.13 -10.41 -42.71
C GLN A 466 -4.59 -9.51 -43.85
N ALA A 467 -3.74 -8.59 -44.32
CA ALA A 467 -4.05 -7.81 -45.52
C ALA A 467 -4.26 -8.70 -46.76
N ALA A 468 -3.67 -9.90 -46.79
CA ALA A 468 -3.95 -10.84 -47.87
C ALA A 468 -5.36 -11.42 -47.78
N LYS A 469 -5.90 -11.51 -46.56
CA LYS A 469 -7.22 -12.08 -46.34
C LYS A 469 -8.32 -11.07 -46.61
N THR A 470 -8.09 -9.79 -46.26
CA THR A 470 -9.12 -8.74 -46.37
C THR A 470 -8.54 -7.50 -47.03
N PRO A 471 -8.29 -7.54 -48.34
CA PRO A 471 -7.70 -6.38 -49.01
C PRO A 471 -8.58 -5.13 -49.00
N ASP A 472 -9.90 -5.30 -49.08
CA ASP A 472 -10.80 -4.17 -49.25
C ASP A 472 -11.45 -3.67 -47.96
N ALA A 473 -11.19 -4.33 -46.82
CA ALA A 473 -11.75 -3.88 -45.55
C ALA A 473 -11.07 -2.60 -45.10
N PRO A 474 -11.81 -1.66 -44.51
CA PRO A 474 -11.20 -0.40 -44.09
C PRO A 474 -10.22 -0.67 -42.96
N ALA A 475 -9.03 -0.07 -43.07
CA ALA A 475 -7.94 -0.39 -42.17
C ALA A 475 -7.47 0.78 -41.35
N LEU A 476 -7.30 1.96 -41.95
CA LEU A 476 -6.67 3.07 -41.26
C LEU A 476 -7.29 4.40 -41.64
N ALA A 477 -7.72 5.19 -40.66
CA ALA A 477 -8.38 6.46 -40.96
C ALA A 477 -8.04 7.52 -39.93
N ASP A 478 -8.15 8.78 -40.36
CA ASP A 478 -8.08 9.97 -39.51
C ASP A 478 -9.03 11.00 -40.11
N ALA A 479 -8.90 12.27 -39.71
CA ALA A 479 -9.83 13.28 -40.21
C ALA A 479 -9.77 13.40 -41.72
N ARG A 480 -8.59 13.18 -42.31
CA ARG A 480 -8.32 13.51 -43.72
C ARG A 480 -8.16 12.32 -44.66
N TYR A 481 -8.13 11.08 -44.17
CA TYR A 481 -7.67 9.97 -44.98
C TYR A 481 -8.33 8.65 -44.56
N LEU A 482 -8.46 7.74 -45.53
CA LEU A 482 -8.93 6.39 -45.27
C LEU A 482 -8.22 5.43 -46.23
N PHE A 483 -7.73 4.33 -45.68
CA PHE A 483 -6.97 3.33 -46.39
C PHE A 483 -7.54 1.95 -46.17
N SER A 484 -7.78 1.22 -47.27
CA SER A 484 -8.01 -0.21 -47.16
C SER A 484 -6.75 -0.90 -46.66
N TYR A 485 -6.90 -2.18 -46.29
CA TYR A 485 -5.71 -2.99 -45.99
C TYR A 485 -4.76 -3.07 -47.19
N ARG A 486 -5.30 -3.13 -48.42
CA ARG A 486 -4.40 -3.14 -49.58
C ARG A 486 -3.72 -1.79 -49.74
N GLU A 487 -4.49 -0.69 -49.74
CA GLU A 487 -3.89 0.63 -49.87
C GLU A 487 -2.93 0.92 -48.74
N MET A 488 -3.18 0.32 -47.58
CA MET A 488 -2.28 0.54 -46.46
C MET A 488 -0.94 -0.09 -46.72
N ARG A 489 -0.94 -1.40 -46.99
CA ARG A 489 0.29 -2.11 -47.32
C ARG A 489 1.05 -1.46 -48.46
N GLU A 490 0.36 -0.89 -49.44
CA GLU A 490 1.06 -0.14 -50.48
C GLU A 490 1.83 1.03 -49.89
N GLN A 491 1.24 1.80 -49.01
CA GLN A 491 1.93 2.94 -48.40
C GLN A 491 3.03 2.52 -47.44
N VAL A 492 2.85 1.40 -46.74
CA VAL A 492 3.89 0.86 -45.84
C VAL A 492 5.11 0.45 -46.64
N VAL A 493 4.90 -0.33 -47.70
CA VAL A 493 6.01 -0.83 -48.49
C VAL A 493 6.73 0.29 -49.23
N ALA A 494 6.03 1.37 -49.57
CA ALA A 494 6.70 2.46 -50.26
C ALA A 494 7.57 3.24 -49.28
N LEU A 495 7.03 3.58 -48.12
CA LEU A 495 7.86 4.29 -47.15
C LEU A 495 9.03 3.43 -46.69
N ALA A 496 8.83 2.10 -46.58
CA ALA A 496 9.92 1.24 -46.13
C ALA A 496 11.01 1.14 -47.18
N ASN A 497 10.63 1.11 -48.47
CA ASN A 497 11.62 1.20 -49.53
C ASN A 497 12.32 2.55 -49.49
N LEU A 498 11.58 3.63 -49.29
CA LEU A 498 12.19 4.95 -49.17
C LEU A 498 13.19 5.03 -48.01
N LEU A 499 12.85 4.40 -46.86
CA LEU A 499 13.74 4.40 -45.70
C LEU A 499 15.09 3.71 -46.02
N ARG A 500 15.05 2.56 -46.71
CA ARG A 500 16.29 1.94 -47.14
C ARG A 500 17.10 2.83 -48.07
N GLU A 501 16.44 3.58 -48.96
CA GLU A 501 17.19 4.52 -49.80
C GLU A 501 17.95 5.56 -48.98
N ARG A 502 17.55 5.84 -47.73
CA ARG A 502 18.31 6.75 -46.88
C ARG A 502 19.03 6.02 -45.75
N GLY A 503 19.27 4.71 -45.94
CA GLY A 503 20.25 3.96 -45.18
C GLY A 503 19.70 3.08 -44.08
N VAL A 504 18.39 3.02 -43.85
CA VAL A 504 17.94 2.20 -42.73
C VAL A 504 18.11 0.72 -43.09
N LYS A 505 18.83 -0.02 -42.24
CA LYS A 505 19.11 -1.43 -42.46
C LYS A 505 18.49 -2.25 -41.33
N PRO A 506 18.24 -3.54 -41.55
CA PRO A 506 17.85 -4.39 -40.43
C PRO A 506 18.81 -4.21 -39.27
N GLY A 507 18.27 -4.12 -38.06
CA GLY A 507 19.07 -3.96 -36.87
C GLY A 507 19.21 -2.53 -36.41
N ASP A 508 18.84 -1.55 -37.26
CA ASP A 508 18.94 -0.14 -36.97
C ASP A 508 17.76 0.34 -36.11
N SER A 509 17.92 1.53 -35.51
CA SER A 509 16.84 2.26 -34.87
C SER A 509 16.44 3.40 -35.77
N VAL A 510 15.17 3.73 -35.76
CA VAL A 510 14.63 4.89 -36.45
C VAL A 510 13.80 5.65 -35.45
N ALA A 511 14.13 6.92 -35.23
CA ALA A 511 13.41 7.71 -34.25
C ALA A 511 12.27 8.44 -34.93
N VAL A 512 11.13 8.54 -34.23
CA VAL A 512 9.89 9.01 -34.81
C VAL A 512 9.37 10.16 -33.98
N ALA A 513 9.19 11.32 -34.63
CA ALA A 513 8.75 12.54 -33.97
C ALA A 513 7.65 13.13 -34.86
N LEU A 514 6.45 12.58 -34.73
CA LEU A 514 5.38 12.97 -35.63
C LEU A 514 4.15 13.38 -34.85
N PRO A 515 3.38 14.32 -35.41
CA PRO A 515 2.03 14.55 -34.90
C PRO A 515 1.14 13.35 -35.19
N ARG A 516 0.05 13.22 -34.41
CA ARG A 516 -0.87 12.07 -34.55
C ARG A 516 -1.78 12.25 -35.78
N SER A 517 -1.65 11.33 -36.74
CA SER A 517 -2.36 11.27 -38.01
C SER A 517 -2.29 9.83 -38.49
N VAL A 518 -2.76 9.56 -39.70
CA VAL A 518 -2.51 8.22 -40.23
C VAL A 518 -1.02 7.96 -40.44
N PHE A 519 -0.21 9.02 -40.62
CA PHE A 519 1.18 8.81 -41.00
C PHE A 519 2.05 8.35 -39.82
N LEU A 520 1.69 8.69 -38.59
CA LEU A 520 2.34 8.07 -37.45
C LEU A 520 2.29 6.55 -37.55
N THR A 521 1.08 5.99 -37.73
CA THR A 521 0.95 4.54 -37.86
C THR A 521 1.78 4.00 -39.03
N LEU A 522 1.62 4.57 -40.23
CA LEU A 522 2.39 4.12 -41.39
C LEU A 522 3.88 4.11 -41.10
N ALA A 523 4.39 5.18 -40.51
CA ALA A 523 5.81 5.24 -40.17
C ALA A 523 6.25 4.01 -39.37
N LEU A 524 5.47 3.60 -38.36
CA LEU A 524 5.87 2.46 -37.54
C LEU A 524 5.79 1.15 -38.33
N HIS A 525 4.73 0.96 -39.11
CA HIS A 525 4.62 -0.29 -39.86
C HIS A 525 5.75 -0.43 -40.88
N ALA A 526 6.19 0.70 -41.43
CA ALA A 526 7.24 0.72 -42.45
C ALA A 526 8.60 0.44 -41.83
N ILE A 527 8.80 0.93 -40.60
CA ILE A 527 10.07 0.72 -39.92
C ILE A 527 10.25 -0.75 -39.59
N VAL A 528 9.22 -1.39 -39.05
CA VAL A 528 9.32 -2.82 -38.80
C VAL A 528 9.44 -3.57 -40.12
N GLU A 529 8.88 -3.02 -41.20
CA GLU A 529 8.96 -3.69 -42.48
C GLU A 529 10.39 -3.69 -43.00
N ALA A 530 11.11 -2.59 -42.80
CA ALA A 530 12.53 -2.54 -43.09
C ALA A 530 13.37 -3.41 -42.16
N GLY A 531 12.81 -4.02 -41.12
CA GLY A 531 13.60 -4.73 -40.13
C GLY A 531 14.21 -3.85 -39.07
N ALA A 532 13.92 -2.56 -39.09
CA ALA A 532 14.34 -1.66 -38.03
C ALA A 532 13.42 -1.75 -36.82
N ALA A 533 13.79 -1.00 -35.78
CA ALA A 533 13.00 -0.84 -34.56
C ALA A 533 12.69 0.63 -34.43
N TRP A 534 11.42 0.97 -34.12
CA TRP A 534 11.09 2.40 -33.96
C TRP A 534 11.33 2.91 -32.55
N LEU A 535 11.75 4.17 -32.47
CA LEU A 535 11.98 4.90 -31.23
C LEU A 535 11.10 6.14 -31.16
N PRO A 536 10.00 6.14 -30.38
CA PRO A 536 9.10 7.33 -30.37
C PRO A 536 9.60 8.49 -29.50
N LEU A 537 9.52 9.71 -30.04
CA LEU A 537 9.90 10.93 -29.34
C LEU A 537 8.67 11.78 -29.05
N ASP A 538 8.46 12.15 -27.79
CA ASP A 538 7.44 13.15 -27.46
C ASP A 538 8.06 14.53 -27.70
N THR A 539 7.66 15.16 -28.81
CA THR A 539 8.17 16.51 -29.06
C THR A 539 7.82 17.50 -27.95
N GLY A 540 7.04 17.10 -26.94
CA GLY A 540 6.83 18.00 -25.82
C GLY A 540 7.96 18.00 -24.81
N TYR A 541 8.84 17.00 -24.88
CA TYR A 541 10.05 17.02 -24.10
C TYR A 541 10.90 18.19 -24.55
N PRO A 542 11.79 18.70 -23.70
CA PRO A 542 12.63 19.82 -24.13
C PRO A 542 13.80 19.34 -25.00
N ASP A 543 14.37 20.31 -25.72
CA ASP A 543 15.41 20.03 -26.71
C ASP A 543 16.53 19.19 -26.11
N ASP A 544 17.07 19.65 -24.97
CA ASP A 544 18.16 18.92 -24.34
C ASP A 544 17.80 17.48 -24.04
N ARG A 545 16.54 17.16 -23.84
CA ARG A 545 16.32 15.77 -23.48
C ARG A 545 16.21 14.88 -24.70
N LEU A 546 15.70 15.42 -25.81
CA LEU A 546 15.63 14.63 -27.03
C LEU A 546 17.03 14.37 -27.56
N LYS A 547 17.91 15.37 -27.46
CA LYS A 547 19.31 15.17 -27.78
C LYS A 547 19.89 13.98 -27.00
N MET A 548 19.48 13.79 -25.74
CA MET A 548 20.01 12.66 -24.99
C MET A 548 19.55 11.35 -25.61
N MET A 549 18.25 11.23 -25.89
CA MET A 549 17.76 9.96 -26.40
C MET A 549 18.35 9.66 -27.77
N LEU A 550 18.53 10.68 -28.60
CA LEU A 550 19.10 10.44 -29.92
C LEU A 550 20.58 10.07 -29.81
N GLU A 551 21.33 10.79 -28.98
CA GLU A 551 22.72 10.45 -28.74
C GLU A 551 22.87 9.09 -28.10
N ASP A 552 21.84 8.57 -27.46
CA ASP A 552 22.08 7.30 -26.80
C ASP A 552 21.68 6.14 -27.69
N ALA A 553 20.58 6.27 -28.40
CA ALA A 553 20.09 5.17 -29.23
C ALA A 553 20.78 5.09 -30.58
N ARG A 554 21.43 6.17 -31.00
CA ARG A 554 22.08 6.26 -32.30
C ARG A 554 21.18 5.81 -33.45
N PRO A 555 20.01 6.40 -33.61
CA PRO A 555 19.15 5.96 -34.72
C PRO A 555 19.75 6.37 -36.05
N SER A 556 19.53 5.52 -37.04
CA SER A 556 20.00 5.76 -38.38
C SER A 556 19.37 6.97 -39.01
N LEU A 557 18.24 7.39 -38.44
CA LEU A 557 17.25 8.17 -39.17
C LEU A 557 16.17 8.68 -38.22
N LEU A 558 15.86 9.97 -38.34
CA LEU A 558 14.72 10.59 -37.65
C LEU A 558 13.63 10.93 -38.65
N ILE A 559 12.44 10.35 -38.45
CA ILE A 559 11.25 10.75 -39.21
C ILE A 559 10.51 11.84 -38.44
N THR A 560 10.21 12.93 -39.10
CA THR A 560 9.61 14.08 -38.41
C THR A 560 8.80 14.90 -39.42
N THR A 561 8.36 16.07 -39.00
CA THR A 561 7.71 17.00 -39.91
C THR A 561 8.64 18.17 -40.16
N ASP A 562 8.26 18.99 -41.16
CA ASP A 562 9.17 20.02 -41.67
C ASP A 562 9.41 21.13 -40.66
N ASP A 563 8.42 21.47 -39.84
CA ASP A 563 8.58 22.55 -38.88
C ASP A 563 9.25 22.12 -37.56
N GLN A 564 9.45 20.81 -37.34
CA GLN A 564 10.05 20.34 -36.10
C GLN A 564 11.58 20.20 -36.20
N LEU A 565 12.12 20.05 -37.38
CA LEU A 565 13.56 19.81 -37.41
C LEU A 565 14.48 21.01 -37.15
N PRO A 566 14.00 22.26 -37.08
CA PRO A 566 14.88 23.34 -36.57
C PRO A 566 15.28 23.18 -35.11
N ARG A 567 14.51 22.41 -34.33
CA ARG A 567 14.91 21.96 -32.99
C ARG A 567 16.12 21.02 -33.04
N PHE A 568 16.18 20.18 -34.06
CA PHE A 568 17.25 19.20 -34.20
C PHE A 568 18.41 19.67 -35.09
N SER A 569 18.50 20.95 -35.45
CA SER A 569 19.69 21.37 -36.18
C SER A 569 20.94 21.20 -35.34
N ASP A 570 20.79 21.12 -34.03
CA ASP A 570 21.93 20.99 -33.12
C ASP A 570 22.51 19.58 -33.07
N VAL A 571 21.72 18.54 -33.33
CA VAL A 571 22.26 17.17 -33.24
C VAL A 571 23.24 16.91 -34.37
N PRO A 572 24.39 16.35 -34.06
CA PRO A 572 25.35 16.03 -35.12
C PRO A 572 24.98 14.70 -35.76
N ASN A 573 25.28 14.63 -37.05
CA ASN A 573 25.37 13.37 -37.76
C ASN A 573 24.06 12.59 -37.79
N LEU A 574 22.95 13.30 -37.69
CA LEU A 574 21.65 12.68 -37.83
C LEU A 574 21.10 12.95 -39.23
N THR A 575 20.41 11.95 -39.76
CA THR A 575 19.67 12.10 -41.00
C THR A 575 18.17 12.13 -40.71
N SER A 576 17.47 13.03 -41.37
CA SER A 576 16.06 13.26 -41.16
C SER A 576 15.27 13.00 -42.45
N LEU A 577 14.00 12.67 -42.28
CA LEU A 577 13.07 12.51 -43.38
C LEU A 577 11.73 13.16 -42.99
N CYS A 578 11.23 14.07 -43.82
CA CYS A 578 9.92 14.68 -43.61
C CYS A 578 8.83 13.83 -44.26
N TYR A 579 7.83 13.47 -43.46
CA TYR A 579 6.76 12.54 -43.87
C TYR A 579 5.39 13.06 -43.43
N ASN A 580 4.57 13.49 -44.39
CA ASN A 580 3.29 14.09 -44.03
C ASN A 580 2.30 13.96 -45.18
N ALA A 581 2.57 13.09 -46.13
CA ALA A 581 1.66 12.88 -47.24
C ALA A 581 2.00 11.54 -47.89
N PRO A 582 1.06 10.90 -48.57
CA PRO A 582 1.31 9.57 -49.16
C PRO A 582 2.35 9.61 -50.25
N LEU A 583 2.92 8.42 -50.51
CA LEU A 583 3.92 8.15 -51.54
C LEU A 583 3.30 7.37 -52.69
N THR A 584 3.86 7.56 -53.88
CA THR A 584 3.41 6.79 -55.05
C THR A 584 3.47 5.29 -54.79
N PRO A 585 2.35 4.57 -54.89
CA PRO A 585 2.36 3.12 -54.60
C PRO A 585 3.16 2.33 -55.62
N GLN A 586 3.64 1.17 -55.18
CA GLN A 586 4.48 0.26 -55.97
C GLN A 586 4.22 -1.17 -55.48
N GLY A 587 2.96 -1.56 -55.49
CA GLY A 587 2.62 -2.87 -54.99
C GLY A 587 2.67 -2.95 -53.48
N SER A 588 2.34 -4.16 -53.02
CA SER A 588 2.06 -4.40 -51.62
C SER A 588 2.76 -5.64 -51.11
N ALA A 589 3.70 -6.18 -51.88
CA ALA A 589 4.40 -7.40 -51.46
C ALA A 589 5.28 -7.12 -50.24
N PRO A 590 5.36 -8.05 -49.29
CA PRO A 590 6.24 -7.86 -48.13
C PRO A 590 7.73 -7.94 -48.49
N LEU A 591 8.54 -7.18 -47.74
CA LEU A 591 9.98 -7.19 -47.96
C LEU A 591 10.64 -8.38 -47.27
N GLN A 592 9.97 -8.98 -46.31
CA GLN A 592 10.50 -10.10 -45.55
C GLN A 592 11.94 -9.82 -45.07
N LEU A 593 12.09 -8.65 -44.43
CA LEU A 593 13.32 -8.25 -43.77
C LEU A 593 13.27 -8.39 -42.25
N SER A 594 12.10 -8.25 -41.60
CA SER A 594 12.16 -8.38 -40.16
C SER A 594 12.21 -9.85 -39.74
N GLN A 595 12.79 -10.10 -38.57
CA GLN A 595 13.09 -11.42 -38.05
C GLN A 595 12.81 -11.48 -36.55
N PRO A 596 12.48 -12.67 -36.03
CA PRO A 596 11.96 -12.74 -34.66
C PRO A 596 12.91 -12.26 -33.61
N HIS A 597 14.22 -12.36 -33.87
CA HIS A 597 15.17 -11.90 -32.86
C HIS A 597 15.44 -10.39 -32.92
N HIS A 598 14.92 -9.69 -33.93
CA HIS A 598 15.15 -8.25 -33.93
C HIS A 598 14.44 -7.59 -32.75
N THR A 599 15.03 -6.52 -32.29
CA THR A 599 14.31 -5.50 -31.55
C THR A 599 13.15 -4.93 -32.38
N ALA A 600 11.98 -4.84 -31.77
CA ALA A 600 10.85 -4.16 -32.39
C ALA A 600 10.74 -2.68 -32.03
N TYR A 601 11.02 -2.31 -30.78
CA TYR A 601 10.85 -0.93 -30.38
C TYR A 601 11.69 -0.62 -29.13
N ILE A 602 11.97 0.67 -28.96
CA ILE A 602 12.70 1.21 -27.83
C ILE A 602 11.86 2.33 -27.25
N ILE A 603 11.32 2.13 -26.07
CA ILE A 603 10.63 3.17 -25.33
C ILE A 603 11.56 3.59 -24.21
N PHE A 604 11.81 4.89 -24.07
CA PHE A 604 12.58 5.34 -22.90
C PHE A 604 11.67 5.46 -21.67
N THR A 605 12.27 5.30 -20.47
CA THR A 605 11.60 5.49 -19.20
C THR A 605 12.52 6.25 -18.25
N SER A 606 11.91 6.86 -17.24
CA SER A 606 12.66 7.57 -16.21
C SER A 606 13.63 6.61 -15.53
N GLY A 607 14.86 7.07 -15.27
CA GLY A 607 15.85 6.25 -14.59
C GLY A 607 16.50 6.92 -13.39
N SER A 608 16.67 6.11 -12.32
CA SER A 608 17.11 6.61 -11.02
C SER A 608 18.36 7.48 -11.06
N THR A 609 19.27 7.26 -12.02
CA THR A 609 20.58 7.88 -11.99
C THR A 609 20.58 9.32 -12.52
N GLY A 610 19.47 9.83 -13.02
CA GLY A 610 19.42 11.16 -13.56
C GLY A 610 19.36 11.24 -15.08
N ARG A 611 19.17 10.09 -15.76
CA ARG A 611 19.31 10.10 -17.17
C ARG A 611 18.38 8.99 -17.60
N PRO A 612 17.42 9.25 -18.49
CA PRO A 612 16.46 8.20 -18.88
C PRO A 612 17.14 7.05 -19.58
N LYS A 613 16.51 5.89 -19.51
CA LYS A 613 17.04 4.66 -20.08
C LYS A 613 16.05 4.07 -21.10
N GLY A 614 16.55 3.51 -22.19
CA GLY A 614 15.67 2.93 -23.22
C GLY A 614 15.48 1.43 -23.07
N VAL A 615 14.22 0.99 -23.02
CA VAL A 615 13.83 -0.39 -22.87
C VAL A 615 13.69 -0.97 -24.25
N MET A 616 14.43 -2.08 -24.54
CA MET A 616 14.47 -2.67 -25.88
C MET A 616 13.61 -3.94 -25.91
N VAL A 617 12.60 -3.98 -26.80
CA VAL A 617 11.63 -5.08 -26.81
C VAL A 617 11.76 -5.93 -28.06
N GLY A 618 11.93 -7.25 -27.85
CA GLY A 618 12.05 -8.19 -28.94
C GLY A 618 10.80 -8.26 -29.81
N GLN A 619 11.03 -8.52 -31.07
CA GLN A 619 9.93 -8.80 -31.99
C GLN A 619 9.08 -9.97 -31.48
N THR A 620 9.70 -11.01 -30.96
CA THR A 620 8.94 -12.16 -30.49
C THR A 620 8.08 -11.81 -29.28
N ALA A 621 8.67 -11.08 -28.34
CA ALA A 621 7.91 -10.75 -27.14
C ALA A 621 6.65 -9.96 -27.48
N ILE A 622 6.71 -9.05 -28.46
CA ILE A 622 5.47 -8.34 -28.76
C ILE A 622 4.50 -9.22 -29.59
N VAL A 623 5.02 -10.13 -30.42
CA VAL A 623 4.13 -11.05 -31.10
C VAL A 623 3.32 -11.83 -30.07
N ASN A 624 3.97 -12.24 -28.97
CA ASN A 624 3.28 -13.05 -27.97
C ASN A 624 2.16 -12.25 -27.36
N ARG A 625 2.50 -11.06 -26.87
CA ARG A 625 1.52 -10.13 -26.34
C ARG A 625 0.32 -9.96 -27.27
N LEU A 626 0.55 -9.74 -28.57
CA LEU A 626 -0.60 -9.43 -29.42
C LEU A 626 -1.37 -10.69 -29.83
N LEU A 627 -0.69 -11.81 -30.06
CA LEU A 627 -1.48 -13.00 -30.36
C LEU A 627 -2.31 -13.41 -29.14
N TRP A 628 -1.82 -13.10 -27.92
CA TRP A 628 -2.55 -13.51 -26.73
C TRP A 628 -3.77 -12.65 -26.55
N MET A 629 -3.62 -11.36 -26.78
CA MET A 629 -4.75 -10.48 -26.72
C MET A 629 -5.81 -10.91 -27.72
N GLN A 630 -5.41 -11.24 -28.94
CA GLN A 630 -6.44 -11.59 -29.90
C GLN A 630 -7.10 -12.93 -29.56
N ASN A 631 -6.50 -13.74 -28.70
CA ASN A 631 -7.23 -14.94 -28.30
C ASN A 631 -8.17 -14.63 -27.14
N HIS A 632 -7.70 -13.87 -26.19
CA HIS A 632 -8.46 -13.58 -24.97
C HIS A 632 -9.54 -12.51 -25.17
N TYR A 633 -9.32 -11.52 -26.04
CA TYR A 633 -10.31 -10.48 -26.36
C TYR A 633 -10.43 -10.34 -27.87
N PRO A 634 -10.99 -11.34 -28.56
CA PRO A 634 -11.01 -11.33 -30.04
C PRO A 634 -11.62 -10.09 -30.68
N LEU A 635 -10.99 -9.62 -31.75
CA LEU A 635 -11.45 -8.59 -32.68
C LEU A 635 -11.89 -9.16 -34.04
N THR A 636 -12.86 -8.50 -34.70
CA THR A 636 -13.43 -9.12 -35.88
C THR A 636 -13.58 -8.22 -37.09
N GLY A 637 -13.10 -6.99 -37.04
CA GLY A 637 -13.13 -6.26 -38.30
C GLY A 637 -14.46 -5.65 -38.65
N GLU A 638 -15.49 -5.91 -37.84
CA GLU A 638 -16.51 -4.96 -37.45
C GLU A 638 -16.04 -4.11 -36.29
N ASP A 639 -14.87 -4.39 -35.73
CA ASP A 639 -14.41 -3.60 -34.60
C ASP A 639 -13.68 -2.35 -35.07
N VAL A 640 -13.68 -1.34 -34.22
CA VAL A 640 -13.01 -0.08 -34.53
C VAL A 640 -12.13 0.29 -33.34
N VAL A 641 -10.82 0.39 -33.57
CA VAL A 641 -9.86 0.60 -32.46
C VAL A 641 -9.37 2.04 -32.46
N ALA A 642 -9.35 2.65 -31.26
CA ALA A 642 -9.03 4.07 -31.07
C ALA A 642 -7.54 4.27 -30.82
N GLN A 643 -6.85 4.95 -31.75
CA GLN A 643 -5.45 5.26 -31.51
C GLN A 643 -5.45 6.57 -30.73
N LYS A 644 -5.36 6.43 -29.42
CA LYS A 644 -5.60 7.52 -28.49
C LYS A 644 -4.39 7.75 -27.60
N THR A 645 -3.56 6.75 -27.44
CA THR A 645 -2.47 6.76 -26.49
C THR A 645 -1.20 7.36 -27.10
N PRO A 646 -0.48 8.19 -26.36
CA PRO A 646 0.71 8.81 -26.92
C PRO A 646 1.77 7.77 -27.26
N CYS A 647 2.49 8.01 -28.35
CA CYS A 647 3.33 6.97 -28.92
C CYS A 647 4.55 6.72 -28.06
N SER A 648 4.83 7.61 -27.14
CA SER A 648 5.89 7.40 -26.19
C SER A 648 5.48 6.57 -24.97
N PHE A 649 4.28 6.01 -24.91
CA PHE A 649 3.91 5.11 -23.82
C PHE A 649 3.74 3.73 -24.43
N ASP A 650 4.36 2.70 -23.86
CA ASP A 650 4.26 1.40 -24.53
C ASP A 650 2.83 0.95 -24.88
N VAL A 651 1.79 1.41 -24.16
CA VAL A 651 0.40 0.98 -24.41
C VAL A 651 -0.01 1.24 -25.87
N SER A 652 0.52 2.30 -26.49
CA SER A 652 0.19 2.64 -27.87
C SER A 652 0.50 1.50 -28.85
N VAL A 653 1.52 0.67 -28.54
CA VAL A 653 1.98 -0.40 -29.45
C VAL A 653 0.82 -1.33 -29.86
N TRP A 654 0.03 -1.83 -28.90
CA TRP A 654 -1.06 -2.68 -29.34
C TRP A 654 -2.12 -1.87 -30.06
N GLU A 655 -2.18 -0.57 -29.83
CA GLU A 655 -3.15 0.16 -30.61
C GLU A 655 -2.67 0.25 -32.05
N PHE A 656 -1.36 0.36 -32.25
CA PHE A 656 -0.78 0.52 -33.59
C PHE A 656 -0.78 -0.77 -34.41
N PHE A 657 -0.84 -1.93 -33.76
CA PHE A 657 -0.59 -3.20 -34.45
C PHE A 657 -1.69 -4.23 -34.30
N TRP A 658 -2.29 -4.33 -33.12
CA TRP A 658 -3.33 -5.35 -32.90
C TRP A 658 -4.51 -5.28 -33.88
N PRO A 659 -5.12 -4.13 -34.19
CA PRO A 659 -6.20 -4.16 -35.18
C PRO A 659 -5.79 -4.81 -36.48
N PHE A 660 -4.54 -4.65 -36.91
CA PHE A 660 -4.21 -5.11 -38.25
C PHE A 660 -3.86 -6.59 -38.30
N ILE A 661 -3.64 -7.26 -37.16
CA ILE A 661 -3.51 -8.72 -37.19
C ILE A 661 -4.84 -9.41 -37.10
N ALA A 662 -5.94 -8.66 -36.90
CA ALA A 662 -7.29 -9.22 -36.82
C ALA A 662 -8.23 -8.78 -37.93
N GLY A 663 -7.95 -7.69 -38.63
CA GLY A 663 -8.77 -7.27 -39.75
C GLY A 663 -9.62 -6.07 -39.46
N ALA A 664 -9.44 -5.47 -38.30
CA ALA A 664 -10.25 -4.38 -37.83
C ALA A 664 -9.66 -3.05 -38.31
N LYS A 665 -10.44 -1.98 -38.11
CA LYS A 665 -10.09 -0.61 -38.44
C LYS A 665 -9.45 0.09 -37.25
N LEU A 666 -8.52 0.99 -37.56
CA LEU A 666 -7.88 1.85 -36.58
C LEU A 666 -8.14 3.29 -36.97
N VAL A 667 -8.59 4.08 -36.01
CA VAL A 667 -8.93 5.46 -36.28
C VAL A 667 -8.11 6.30 -35.32
N MET A 668 -7.54 7.39 -35.85
CA MET A 668 -6.63 8.29 -35.14
C MET A 668 -7.42 9.42 -34.48
N ALA A 669 -7.17 9.64 -33.20
CA ALA A 669 -7.75 10.81 -32.57
C ALA A 669 -6.97 12.07 -32.94
N GLU A 670 -7.61 13.21 -32.79
CA GLU A 670 -6.93 14.47 -33.02
C GLU A 670 -5.86 14.67 -31.94
N PRO A 671 -4.90 15.57 -32.19
CA PRO A 671 -3.93 15.91 -31.15
C PRO A 671 -4.54 16.54 -29.91
N GLU A 672 -3.93 16.20 -28.76
CA GLU A 672 -4.32 16.64 -27.41
C GLU A 672 -5.70 16.13 -26.98
N ALA A 673 -6.40 15.36 -27.81
CA ALA A 673 -7.70 14.81 -27.43
C ALA A 673 -7.59 13.71 -26.38
N HIS A 674 -6.41 13.11 -26.21
CA HIS A 674 -6.25 12.06 -25.20
C HIS A 674 -6.33 12.63 -23.79
N ARG A 675 -6.32 13.94 -23.65
CA ARG A 675 -6.38 14.56 -22.33
C ARG A 675 -7.54 15.56 -22.19
N ASP A 676 -8.57 15.42 -23.02
CA ASP A 676 -9.74 16.29 -22.98
C ASP A 676 -10.95 15.35 -23.07
N PRO A 677 -11.64 15.11 -21.95
CA PRO A 677 -12.70 14.08 -21.95
C PRO A 677 -13.88 14.44 -22.83
N LEU A 678 -14.15 15.73 -23.03
CA LEU A 678 -15.18 16.13 -23.99
C LEU A 678 -14.80 15.72 -25.40
N ALA A 679 -13.52 15.82 -25.77
CA ALA A 679 -13.09 15.49 -27.12
C ALA A 679 -13.18 14.00 -27.40
N MET A 680 -12.89 13.19 -26.37
CA MET A 680 -13.04 11.75 -26.47
C MET A 680 -14.50 11.34 -26.72
N GLN A 681 -15.46 11.95 -26.02
CA GLN A 681 -16.85 11.64 -26.29
C GLN A 681 -17.20 11.91 -27.75
N GLN A 682 -16.78 13.06 -28.27
CA GLN A 682 -17.11 13.37 -29.65
C GLN A 682 -16.40 12.38 -30.57
N PHE A 683 -15.15 12.05 -30.23
CA PHE A 683 -14.35 11.10 -31.00
C PHE A 683 -15.01 9.72 -31.08
N PHE A 684 -15.27 9.08 -29.94
CA PHE A 684 -15.83 7.73 -29.94
C PHE A 684 -17.12 7.65 -30.77
N ALA A 685 -18.02 8.62 -30.60
CA ALA A 685 -19.27 8.58 -31.35
C ALA A 685 -19.02 8.80 -32.84
N GLU A 686 -18.11 9.71 -33.18
CA GLU A 686 -17.94 10.13 -34.57
C GLU A 686 -17.37 9.03 -35.45
N TYR A 687 -16.56 8.14 -34.88
CA TYR A 687 -15.99 7.02 -35.60
C TYR A 687 -16.55 5.68 -35.17
N GLY A 688 -17.53 5.64 -34.31
CA GLY A 688 -18.05 4.38 -33.83
C GLY A 688 -17.04 3.43 -33.22
N VAL A 689 -16.28 3.94 -32.25
CA VAL A 689 -15.21 3.16 -31.64
C VAL A 689 -15.78 2.02 -30.80
N THR A 690 -15.24 0.84 -30.98
CA THR A 690 -15.60 -0.32 -30.16
C THR A 690 -14.54 -0.62 -29.12
N THR A 691 -13.32 -0.11 -29.28
CA THR A 691 -12.21 -0.61 -28.48
C THR A 691 -11.26 0.52 -28.10
N THR A 692 -10.88 0.56 -26.83
CA THR A 692 -9.99 1.63 -26.38
C THR A 692 -9.42 1.33 -24.99
N HIS A 693 -8.69 2.31 -24.49
CA HIS A 693 -7.83 2.16 -23.33
C HIS A 693 -7.93 3.42 -22.50
N PHE A 694 -7.81 3.24 -21.19
CA PHE A 694 -7.73 4.38 -20.29
C PHE A 694 -6.78 3.99 -19.20
N VAL A 695 -6.08 4.98 -18.70
CA VAL A 695 -5.39 4.86 -17.42
C VAL A 695 -6.45 5.08 -16.35
N PRO A 696 -6.45 4.34 -15.24
CA PRO A 696 -7.47 4.61 -14.19
C PRO A 696 -7.68 6.10 -13.82
N SER A 697 -6.65 6.92 -13.69
CA SER A 697 -6.88 8.35 -13.44
C SER A 697 -7.69 9.01 -14.56
N MET A 698 -7.59 8.52 -15.79
CA MET A 698 -8.30 9.16 -16.89
C MET A 698 -9.71 8.62 -17.02
N LEU A 699 -9.86 7.30 -16.81
CA LEU A 699 -11.19 6.72 -16.65
C LEU A 699 -12.01 7.56 -15.66
N ALA A 700 -11.42 7.89 -14.52
CA ALA A 700 -12.05 8.76 -13.56
C ALA A 700 -12.47 10.11 -14.17
N ALA A 701 -11.54 10.85 -14.77
CA ALA A 701 -11.90 12.13 -15.39
C ALA A 701 -13.02 11.98 -16.43
N PHE A 702 -13.02 10.85 -17.14
CA PHE A 702 -14.00 10.63 -18.19
C PHE A 702 -15.36 10.27 -17.61
N VAL A 703 -15.37 9.41 -16.58
CA VAL A 703 -16.59 9.12 -15.84
C VAL A 703 -17.17 10.42 -15.27
N ALA A 704 -16.31 11.26 -14.72
CA ALA A 704 -16.78 12.52 -14.17
C ALA A 704 -17.35 13.42 -15.23
N SER A 705 -16.98 13.22 -16.49
CA SER A 705 -17.53 14.05 -17.56
C SER A 705 -18.87 13.57 -18.04
N LEU A 706 -19.36 12.46 -17.50
CA LEU A 706 -20.57 11.85 -18.01
C LEU A 706 -21.79 12.00 -17.08
N THR A 707 -22.95 11.89 -17.70
CA THR A 707 -24.20 11.51 -17.07
C THR A 707 -24.72 10.31 -17.84
N PRO A 708 -25.73 9.61 -17.34
CA PRO A 708 -26.28 8.48 -18.12
C PRO A 708 -26.61 8.82 -19.58
N GLN A 709 -27.21 9.97 -19.87
CA GLN A 709 -27.64 10.28 -21.23
C GLN A 709 -26.43 10.47 -22.16
N THR A 710 -25.46 11.32 -21.77
CA THR A 710 -24.25 11.45 -22.59
C THR A 710 -23.48 10.13 -22.66
N ALA A 711 -23.63 9.26 -21.65
CA ALA A 711 -22.98 7.96 -21.69
C ALA A 711 -23.55 7.09 -22.80
N ARG A 712 -24.86 7.19 -22.97
CA ARG A 712 -25.53 6.39 -23.97
C ARG A 712 -25.30 6.94 -25.36
N GLN A 713 -24.87 8.19 -25.48
CA GLN A 713 -24.72 8.85 -26.76
C GLN A 713 -23.33 8.69 -27.38
N SER A 714 -22.28 8.56 -26.56
CA SER A 714 -20.92 8.49 -27.03
C SER A 714 -20.26 7.13 -26.82
N CYS A 715 -20.59 6.44 -25.74
CA CYS A 715 -20.05 5.13 -25.43
C CYS A 715 -20.93 3.98 -25.90
N ALA A 716 -21.99 4.26 -26.66
CA ALA A 716 -22.90 3.19 -27.07
C ALA A 716 -22.15 2.14 -27.88
N THR A 717 -21.17 2.56 -28.66
CA THR A 717 -20.50 1.65 -29.57
C THR A 717 -19.40 0.81 -28.91
N LEU A 718 -18.98 1.13 -27.69
CA LEU A 718 -17.88 0.40 -27.06
C LEU A 718 -18.26 -1.03 -26.76
N LYS A 719 -17.29 -1.94 -26.96
CA LYS A 719 -17.49 -3.35 -26.67
C LYS A 719 -16.39 -3.84 -25.72
N GLN A 720 -15.21 -3.21 -25.74
CA GLN A 720 -14.08 -3.70 -24.95
C GLN A 720 -13.16 -2.54 -24.54
N VAL A 721 -13.02 -2.31 -23.26
CA VAL A 721 -12.18 -1.22 -22.78
C VAL A 721 -11.17 -1.77 -21.81
N PHE A 722 -9.91 -1.38 -22.00
CA PHE A 722 -8.82 -1.85 -21.17
C PHE A 722 -8.22 -0.73 -20.35
N CYS A 723 -7.71 -1.13 -19.20
CA CYS A 723 -7.27 -0.25 -18.14
C CYS A 723 -5.99 -0.79 -17.55
N SER A 724 -5.00 0.08 -17.38
CA SER A 724 -3.67 -0.35 -16.94
C SER A 724 -2.82 0.86 -16.60
N GLY A 725 -1.77 0.61 -15.81
CA GLY A 725 -0.83 1.64 -15.45
C GLY A 725 -1.03 2.24 -14.10
N GLU A 726 -2.10 1.90 -13.41
CA GLU A 726 -2.29 2.31 -12.04
C GLU A 726 -3.18 1.27 -11.40
N ALA A 727 -3.19 1.29 -10.09
CA ALA A 727 -4.17 0.48 -9.38
C ALA A 727 -5.58 0.88 -9.81
N LEU A 728 -6.36 -0.11 -10.23
CA LEU A 728 -7.71 0.10 -10.74
C LEU A 728 -8.70 -0.05 -9.61
N PRO A 729 -9.33 1.03 -9.16
CA PRO A 729 -10.22 0.89 -7.98
C PRO A 729 -11.58 0.31 -8.34
N ALA A 730 -12.03 -0.61 -7.49
CA ALA A 730 -13.24 -1.38 -7.77
C ALA A 730 -14.44 -0.47 -7.99
N ASP A 731 -14.60 0.56 -7.11
CA ASP A 731 -15.81 1.39 -7.18
C ASP A 731 -15.83 2.23 -8.44
N LEU A 732 -14.66 2.62 -8.94
CA LEU A 732 -14.60 3.28 -10.24
C LEU A 732 -15.09 2.37 -11.35
N CYS A 733 -14.65 1.11 -11.34
CA CYS A 733 -15.17 0.17 -12.33
C CYS A 733 -16.68 0.04 -12.24
N ARG A 734 -17.23 0.17 -11.04
CA ARG A 734 -18.67 -0.02 -10.88
C ARG A 734 -19.44 1.16 -11.41
N GLU A 735 -18.97 2.39 -11.15
CA GLU A 735 -19.56 3.54 -11.82
C GLU A 735 -19.49 3.39 -13.33
N TRP A 736 -18.38 2.87 -13.86
CA TRP A 736 -18.30 2.67 -15.30
C TRP A 736 -19.37 1.68 -15.77
N GLN A 737 -19.50 0.55 -15.06
CA GLN A 737 -20.52 -0.43 -15.46
C GLN A 737 -21.91 0.17 -15.43
N GLN A 738 -22.19 1.05 -14.46
CA GLN A 738 -23.53 1.58 -14.33
C GLN A 738 -23.86 2.55 -15.48
N LEU A 739 -22.84 3.20 -16.04
CA LEU A 739 -22.99 4.19 -17.09
C LEU A 739 -23.09 3.58 -18.48
N THR A 740 -22.34 2.48 -18.74
CA THR A 740 -22.16 2.00 -20.11
C THR A 740 -22.46 0.52 -20.32
N GLY A 741 -22.25 -0.27 -19.25
CA GLY A 741 -22.39 -1.71 -19.32
C GLY A 741 -21.34 -2.34 -20.22
N ALA A 742 -20.39 -1.51 -20.71
CA ALA A 742 -19.33 -1.89 -21.63
C ALA A 742 -18.26 -2.64 -20.87
N PRO A 743 -17.94 -3.88 -21.22
CA PRO A 743 -16.93 -4.63 -20.46
C PRO A 743 -15.60 -3.91 -20.37
N LEU A 744 -14.94 -4.09 -19.23
CA LEU A 744 -13.78 -3.32 -18.82
C LEU A 744 -12.83 -4.29 -18.16
N HIS A 745 -11.55 -4.23 -18.57
CA HIS A 745 -10.55 -5.22 -18.15
C HIS A 745 -9.32 -4.52 -17.59
N ASN A 746 -8.79 -5.10 -16.53
CA ASN A 746 -7.59 -4.62 -15.86
C ASN A 746 -6.40 -5.39 -16.40
N LEU A 747 -5.36 -4.66 -16.83
CA LEU A 747 -4.08 -5.18 -17.30
C LEU A 747 -2.96 -4.56 -16.51
N TYR A 748 -1.90 -5.38 -16.28
CA TYR A 748 -0.72 -4.98 -15.51
C TYR A 748 0.55 -5.30 -16.28
N GLY A 749 1.56 -4.48 -16.08
CA GLY A 749 2.83 -4.71 -16.68
C GLY A 749 3.75 -3.50 -16.74
N PRO A 750 5.02 -3.72 -16.44
CA PRO A 750 6.03 -2.71 -16.70
C PRO A 750 6.44 -2.77 -18.17
N THR A 751 7.15 -1.72 -18.59
CA THR A 751 7.56 -1.63 -19.97
C THR A 751 8.51 -2.76 -20.35
N GLU A 752 9.30 -3.24 -19.38
CA GLU A 752 10.31 -4.26 -19.47
C GLU A 752 9.74 -5.66 -19.76
N ALA A 753 8.45 -5.84 -19.70
CA ALA A 753 7.82 -6.97 -20.39
C ALA A 753 7.05 -6.34 -21.55
N ALA A 754 6.28 -7.09 -22.28
CA ALA A 754 5.79 -6.48 -23.50
C ALA A 754 4.39 -5.93 -23.24
N VAL A 755 4.37 -4.76 -22.59
CA VAL A 755 3.20 -3.93 -22.34
C VAL A 755 2.37 -4.45 -21.16
N ASP A 756 1.91 -5.71 -21.18
CA ASP A 756 1.17 -6.25 -20.05
C ASP A 756 1.45 -7.76 -19.87
N VAL A 757 1.67 -8.20 -18.63
CA VAL A 757 1.86 -9.62 -18.33
C VAL A 757 0.69 -10.29 -17.61
N SER A 758 -0.27 -9.53 -17.08
CA SER A 758 -1.40 -10.14 -16.38
C SER A 758 -2.68 -9.39 -16.69
N TRP A 759 -3.78 -10.11 -16.52
CA TRP A 759 -5.11 -9.61 -16.82
C TRP A 759 -6.10 -9.99 -15.72
N TYR A 760 -7.24 -9.28 -15.70
CA TYR A 760 -8.34 -9.64 -14.84
C TYR A 760 -9.62 -8.95 -15.26
N PRO A 761 -10.74 -9.62 -15.19
CA PRO A 761 -11.99 -8.95 -15.59
C PRO A 761 -12.39 -7.92 -14.52
N ALA A 762 -12.82 -6.75 -14.98
CA ALA A 762 -13.24 -5.68 -14.08
C ALA A 762 -14.68 -5.27 -14.35
N PHE A 763 -15.54 -6.26 -14.61
CA PHE A 763 -16.95 -6.02 -14.81
C PHE A 763 -17.72 -7.26 -14.38
N GLY A 764 -19.04 -7.09 -14.28
CA GLY A 764 -19.86 -8.30 -14.17
C GLY A 764 -19.56 -9.06 -12.89
N GLU A 765 -19.94 -10.34 -12.91
CA GLU A 765 -19.79 -11.12 -11.68
C GLU A 765 -18.40 -10.98 -11.06
N GLU A 766 -17.36 -10.90 -11.90
CA GLU A 766 -16.01 -10.92 -11.37
C GLU A 766 -15.74 -9.67 -10.53
N LEU A 767 -16.28 -8.53 -10.96
CA LEU A 767 -16.15 -7.29 -10.22
C LEU A 767 -17.03 -7.32 -8.97
N ALA A 768 -18.25 -7.84 -9.11
CA ALA A 768 -19.10 -8.01 -7.95
C ALA A 768 -18.49 -8.89 -6.88
N GLN A 769 -17.40 -9.64 -7.15
CA GLN A 769 -16.75 -10.39 -6.08
C GLN A 769 -15.59 -9.65 -5.40
N VAL A 770 -15.17 -8.50 -5.90
CA VAL A 770 -13.98 -7.86 -5.34
C VAL A 770 -14.35 -7.15 -4.04
N ARG A 771 -13.93 -7.72 -2.92
CA ARG A 771 -14.12 -7.10 -1.62
C ARG A 771 -13.09 -6.03 -1.32
N GLY A 772 -12.03 -5.94 -2.11
CA GLY A 772 -10.98 -4.99 -1.86
C GLY A 772 -11.25 -3.66 -2.50
N SER A 773 -10.31 -2.76 -2.27
CA SER A 773 -10.36 -1.43 -2.83
C SER A 773 -10.03 -1.43 -4.33
N SER A 774 -9.06 -2.22 -4.76
CA SER A 774 -8.65 -2.20 -6.15
C SER A 774 -8.85 -3.56 -6.78
N VAL A 775 -8.93 -3.55 -8.10
CA VAL A 775 -9.16 -4.77 -8.87
C VAL A 775 -7.83 -5.54 -8.92
N PRO A 776 -7.88 -6.85 -8.79
CA PRO A 776 -6.64 -7.63 -8.89
C PRO A 776 -5.97 -7.37 -10.22
N ILE A 777 -4.64 -7.42 -10.21
CA ILE A 777 -3.92 -7.43 -11.48
C ILE A 777 -3.99 -8.83 -12.11
N GLY A 778 -4.23 -9.87 -11.32
CA GLY A 778 -4.80 -11.06 -11.93
C GLY A 778 -3.93 -12.22 -12.35
N TYR A 779 -4.01 -12.62 -13.61
CA TYR A 779 -3.40 -13.86 -14.04
C TYR A 779 -2.39 -13.64 -15.17
N PRO A 780 -1.33 -14.47 -15.23
CA PRO A 780 -0.33 -14.33 -16.30
C PRO A 780 -0.94 -14.50 -17.69
N VAL A 781 -0.38 -13.77 -18.66
CA VAL A 781 -0.66 -14.07 -20.07
C VAL A 781 0.12 -15.31 -20.53
N TRP A 782 -0.01 -15.63 -21.80
CA TRP A 782 0.72 -16.75 -22.43
C TRP A 782 2.21 -16.73 -22.14
N ASN A 783 2.77 -17.91 -21.90
CA ASN A 783 4.22 -18.07 -21.86
C ASN A 783 4.87 -17.13 -20.84
N THR A 784 4.13 -16.84 -19.75
CA THR A 784 4.53 -15.85 -18.76
C THR A 784 4.27 -16.37 -17.37
N GLY A 785 5.15 -16.03 -16.43
CA GLY A 785 4.99 -16.44 -15.08
C GLY A 785 5.12 -15.25 -14.16
N LEU A 786 4.42 -15.32 -13.02
CA LEU A 786 4.55 -14.33 -11.95
C LEU A 786 5.16 -15.05 -10.74
N ARG A 787 6.32 -14.57 -10.29
CA ARG A 787 6.93 -15.04 -9.05
C ARG A 787 6.74 -14.00 -7.95
N ILE A 788 6.27 -14.45 -6.78
CA ILE A 788 6.16 -13.60 -5.59
C ILE A 788 7.08 -14.19 -4.52
N LEU A 789 8.17 -13.49 -4.23
CA LEU A 789 9.26 -14.04 -3.48
C LEU A 789 9.62 -13.16 -2.30
N ASP A 790 10.00 -13.78 -1.19
CA ASP A 790 10.43 -13.01 -0.04
C ASP A 790 11.84 -12.45 -0.27
N ALA A 791 12.36 -11.78 0.76
CA ALA A 791 13.67 -11.15 0.70
C ALA A 791 14.80 -12.17 0.53
N MET A 792 14.56 -13.45 0.85
CA MET A 792 15.53 -14.52 0.64
C MET A 792 15.22 -15.30 -0.62
N MET A 793 14.35 -14.79 -1.47
CA MET A 793 14.03 -15.42 -2.74
C MET A 793 13.40 -16.80 -2.55
N HIS A 794 12.79 -17.07 -1.34
CA HIS A 794 11.85 -18.17 -1.21
C HIS A 794 10.48 -17.71 -1.73
N PRO A 795 9.65 -18.62 -2.23
CA PRO A 795 8.29 -18.26 -2.60
C PRO A 795 7.44 -18.05 -1.36
N VAL A 796 6.48 -17.14 -1.48
CA VAL A 796 5.65 -16.81 -0.32
C VAL A 796 4.30 -17.50 -0.49
N PRO A 797 3.65 -17.84 0.62
CA PRO A 797 2.35 -18.49 0.55
C PRO A 797 1.28 -17.47 0.21
N PRO A 798 0.06 -17.91 -0.07
CA PRO A 798 -1.00 -16.93 -0.39
C PRO A 798 -1.23 -16.02 0.80
N GLY A 799 -1.60 -14.77 0.50
CA GLY A 799 -1.94 -13.78 1.51
C GLY A 799 -0.77 -12.97 2.05
N VAL A 800 0.45 -13.43 1.85
CA VAL A 800 1.64 -12.75 2.33
C VAL A 800 2.21 -11.91 1.19
N ALA A 801 2.50 -10.64 1.51
CA ALA A 801 3.22 -9.72 0.63
C ALA A 801 4.61 -10.24 0.25
N GLY A 802 4.96 -10.07 -1.02
CA GLY A 802 6.30 -10.38 -1.50
C GLY A 802 6.67 -9.45 -2.63
N ASP A 803 7.90 -9.63 -3.09
CA ASP A 803 8.41 -8.92 -4.24
C ASP A 803 8.00 -9.66 -5.50
N LEU A 804 7.44 -8.94 -6.47
CA LEU A 804 6.96 -9.52 -7.72
C LEU A 804 8.10 -9.64 -8.71
N TYR A 805 8.26 -10.83 -9.26
CA TYR A 805 9.15 -11.03 -10.38
C TYR A 805 8.37 -11.61 -11.55
N LEU A 806 8.78 -11.24 -12.77
CA LEU A 806 8.18 -11.70 -14.04
C LEU A 806 9.15 -12.58 -14.84
N THR A 807 8.60 -13.60 -15.51
CA THR A 807 9.33 -14.58 -16.30
C THR A 807 8.61 -14.82 -17.63
N GLY A 808 9.33 -15.41 -18.59
CA GLY A 808 8.76 -15.85 -19.87
C GLY A 808 9.27 -15.06 -21.08
N ILE A 809 8.62 -15.32 -22.23
CA ILE A 809 9.15 -14.85 -23.50
C ILE A 809 8.87 -13.39 -23.70
N GLN A 810 8.24 -12.77 -22.73
CA GLN A 810 7.78 -11.43 -22.95
C GLN A 810 8.78 -10.43 -22.41
N LEU A 811 9.83 -10.92 -21.77
CA LEU A 811 10.86 -10.10 -21.18
C LEU A 811 11.63 -9.30 -22.23
N ALA A 812 11.99 -8.09 -21.84
CA ALA A 812 12.68 -7.17 -22.73
C ALA A 812 14.07 -7.71 -23.05
N GLN A 813 14.66 -7.19 -24.13
CA GLN A 813 16.05 -7.56 -24.41
C GLN A 813 16.96 -6.96 -23.38
N GLY A 814 16.60 -5.79 -22.81
CA GLY A 814 17.38 -5.16 -21.75
C GLY A 814 17.39 -3.66 -21.90
N TYR A 815 18.27 -3.00 -21.15
CA TYR A 815 18.35 -1.53 -21.22
C TYR A 815 19.41 -1.08 -22.25
N LEU A 816 18.99 -0.20 -23.15
CA LEU A 816 19.82 0.31 -24.23
C LEU A 816 21.17 0.78 -23.74
N GLY A 817 22.23 0.06 -24.06
CA GLY A 817 23.53 0.60 -23.73
C GLY A 817 23.91 0.55 -22.28
N ARG A 818 23.11 -0.10 -21.42
CA ARG A 818 23.34 -0.08 -19.96
C ARG A 818 23.35 -1.52 -19.49
N PRO A 819 24.48 -2.20 -19.64
CA PRO A 819 24.53 -3.63 -19.31
C PRO A 819 24.57 -3.88 -17.81
N ASP A 820 24.96 -2.86 -17.01
CA ASP A 820 24.96 -2.97 -15.55
C ASP A 820 23.52 -2.91 -15.02
N LEU A 821 22.75 -1.87 -15.41
CA LEU A 821 21.34 -1.84 -15.04
C LEU A 821 20.61 -3.06 -15.57
N THR A 822 21.01 -3.60 -16.70
CA THR A 822 20.31 -4.78 -17.17
C THR A 822 20.56 -5.95 -16.24
N ALA A 823 21.81 -6.10 -15.83
CA ALA A 823 22.17 -7.17 -14.90
C ALA A 823 21.49 -7.00 -13.56
N SER A 824 21.24 -5.75 -13.16
CA SER A 824 20.64 -5.50 -11.86
C SER A 824 19.19 -5.98 -11.81
N ARG A 825 18.44 -5.71 -12.88
CA ARG A 825 17.02 -5.99 -12.88
C ARG A 825 16.69 -7.32 -13.57
N PHE A 826 17.52 -7.78 -14.51
CA PHE A 826 17.20 -9.04 -15.20
C PHE A 826 18.13 -10.09 -14.64
N ILE A 827 17.68 -10.66 -13.54
CA ILE A 827 18.46 -11.54 -12.73
C ILE A 827 18.13 -13.01 -13.03
N ALA A 828 19.03 -13.89 -12.63
CA ALA A 828 18.84 -15.32 -12.85
C ALA A 828 17.65 -15.85 -12.06
N ASP A 829 16.81 -16.68 -12.72
CA ASP A 829 15.66 -17.29 -12.05
C ASP A 829 16.15 -18.51 -11.28
N PRO A 830 16.10 -18.51 -9.95
CA PRO A 830 16.60 -19.67 -9.21
C PRO A 830 15.71 -20.89 -9.39
N PHE A 831 14.50 -20.72 -9.92
CA PHE A 831 13.54 -21.80 -10.12
C PHE A 831 13.53 -22.32 -11.54
N ALA A 832 14.40 -21.82 -12.37
CA ALA A 832 14.49 -22.24 -13.76
C ALA A 832 15.88 -21.83 -14.21
N PRO A 833 16.90 -22.62 -13.86
CA PRO A 833 18.28 -22.20 -14.14
C PRO A 833 18.57 -22.03 -15.63
N GLY A 834 19.33 -20.97 -15.94
CA GLY A 834 19.59 -20.54 -17.28
C GLY A 834 18.64 -19.48 -17.78
N GLU A 835 17.54 -19.27 -17.07
CA GLU A 835 16.48 -18.36 -17.47
C GLU A 835 16.56 -17.10 -16.65
N ARG A 836 16.16 -15.99 -17.26
CA ARG A 836 16.13 -14.77 -16.49
C ARG A 836 14.74 -14.52 -15.90
N MET A 837 14.67 -13.50 -15.07
CA MET A 837 13.50 -13.11 -14.32
C MET A 837 13.62 -11.61 -14.08
N TYR A 838 12.55 -10.85 -14.27
CA TYR A 838 12.60 -9.39 -14.12
C TYR A 838 12.09 -8.97 -12.73
N ARG A 839 12.85 -8.11 -12.09
CA ARG A 839 12.54 -7.62 -10.75
C ARG A 839 11.66 -6.36 -10.91
N THR A 840 10.37 -6.44 -10.58
CA THR A 840 9.51 -5.32 -10.97
C THR A 840 9.69 -4.14 -10.05
N GLY A 841 9.96 -4.41 -8.78
CA GLY A 841 9.84 -3.38 -7.80
C GLY A 841 8.46 -3.25 -7.21
N ASP A 842 7.49 -4.00 -7.77
CA ASP A 842 6.15 -4.04 -7.22
C ASP A 842 6.08 -5.03 -6.07
N VAL A 843 5.28 -4.71 -5.02
CA VAL A 843 4.96 -5.66 -3.96
C VAL A 843 3.55 -6.17 -4.21
N ALA A 844 3.31 -7.46 -3.94
CA ALA A 844 2.07 -8.13 -4.34
C ALA A 844 1.86 -9.42 -3.56
N ARG A 845 0.61 -9.92 -3.57
CA ARG A 845 0.28 -11.16 -2.89
C ARG A 845 -0.72 -11.96 -3.69
N TRP A 846 -0.71 -13.30 -3.51
CA TRP A 846 -1.63 -14.19 -4.22
C TRP A 846 -2.96 -14.20 -3.43
N LEU A 847 -4.08 -14.00 -4.12
CA LEU A 847 -5.38 -14.16 -3.48
C LEU A 847 -5.84 -15.61 -3.61
N ASP A 848 -6.88 -15.96 -2.86
CA ASP A 848 -7.27 -17.36 -2.70
C ASP A 848 -7.83 -17.97 -3.97
N ASN A 849 -8.13 -17.17 -5.00
CA ASN A 849 -8.58 -17.71 -6.27
C ASN A 849 -7.46 -17.75 -7.30
N GLY A 850 -6.22 -17.47 -6.88
CA GLY A 850 -5.04 -17.51 -7.72
C GLY A 850 -4.58 -16.14 -8.17
N ALA A 851 -5.51 -15.22 -8.39
CA ALA A 851 -5.21 -13.88 -8.86
C ALA A 851 -4.20 -13.19 -7.97
N VAL A 852 -3.46 -12.27 -8.55
CA VAL A 852 -2.49 -11.46 -7.82
C VAL A 852 -3.08 -10.09 -7.47
N GLU A 853 -2.87 -9.65 -6.24
CA GLU A 853 -3.26 -8.30 -5.82
C GLU A 853 -2.02 -7.41 -5.74
N TYR A 854 -2.09 -6.26 -6.40
CA TYR A 854 -1.02 -5.27 -6.30
C TYR A 854 -1.03 -4.60 -4.94
N LEU A 855 0.14 -4.34 -4.36
CA LEU A 855 0.12 -3.68 -3.04
C LEU A 855 0.91 -2.36 -2.95
N GLY A 856 1.85 -2.09 -3.83
CA GLY A 856 2.71 -0.94 -3.67
C GLY A 856 4.04 -1.16 -4.38
N ARG A 857 5.00 -0.23 -4.11
CA ARG A 857 6.34 -0.35 -4.63
C ARG A 857 7.33 -0.62 -3.48
N SER A 858 8.42 -1.31 -3.78
CA SER A 858 9.52 -1.43 -2.83
C SER A 858 10.59 -0.34 -3.00
N ASP A 859 10.39 0.63 -3.88
CA ASP A 859 11.42 1.61 -4.21
C ASP A 859 10.81 3.01 -4.32
N ASP A 860 11.51 3.92 -5.01
CA ASP A 860 11.18 5.32 -5.16
C ASP A 860 10.53 5.62 -6.51
N GLN A 861 10.02 4.60 -7.18
CA GLN A 861 9.27 4.83 -8.40
C GLN A 861 7.81 5.11 -8.06
N LEU A 862 7.25 6.09 -8.78
CA LEU A 862 5.86 6.46 -8.65
C LEU A 862 5.15 6.39 -10.00
N LYS A 863 3.86 6.14 -9.97
CA LYS A 863 2.97 6.34 -11.10
C LYS A 863 2.07 7.51 -10.75
N ILE A 864 2.50 8.71 -11.14
CA ILE A 864 1.63 9.89 -11.10
C ILE A 864 0.68 9.85 -12.29
N ARG A 865 -0.56 9.45 -12.08
CA ARG A 865 -1.56 9.51 -13.13
C ARG A 865 -1.14 8.60 -14.27
N GLY A 866 -0.54 7.48 -13.90
CA GLY A 866 -0.15 6.46 -14.83
C GLY A 866 1.16 6.72 -15.52
N GLN A 867 1.85 7.80 -15.20
CA GLN A 867 3.05 8.13 -15.93
C GLN A 867 4.21 7.97 -14.98
N ARG A 868 5.21 7.20 -15.42
CA ARG A 868 6.23 6.59 -14.59
C ARG A 868 7.36 7.57 -14.31
N ILE A 869 7.63 7.79 -13.02
CA ILE A 869 8.62 8.75 -12.54
C ILE A 869 9.53 8.09 -11.48
N GLU A 870 10.79 8.45 -11.51
CA GLU A 870 11.78 8.02 -10.54
C GLU A 870 12.14 9.27 -9.75
N LEU A 871 11.74 9.30 -8.48
CA LEU A 871 12.11 10.46 -7.69
C LEU A 871 13.62 10.71 -7.73
N GLY A 872 14.43 9.63 -7.85
CA GLY A 872 15.86 9.81 -7.96
C GLY A 872 16.28 10.63 -9.17
N GLU A 873 15.59 10.44 -10.30
CA GLU A 873 15.94 11.23 -11.48
C GLU A 873 15.81 12.73 -11.20
N ILE A 874 14.71 13.13 -10.56
CA ILE A 874 14.54 14.56 -10.31
C ILE A 874 15.51 15.04 -9.24
N ASP A 875 15.64 14.27 -8.16
CA ASP A 875 16.62 14.58 -7.11
C ASP A 875 17.99 14.89 -7.71
N ARG A 876 18.48 14.03 -8.62
CA ARG A 876 19.84 14.24 -9.09
C ARG A 876 19.92 15.43 -10.02
N VAL A 877 18.87 15.67 -10.80
CA VAL A 877 18.87 16.85 -11.63
C VAL A 877 18.80 18.11 -10.79
N MET A 878 18.00 18.09 -9.72
CA MET A 878 17.94 19.29 -8.89
C MET A 878 19.27 19.54 -8.20
N GLN A 879 19.95 18.48 -7.74
CA GLN A 879 21.22 18.70 -7.06
C GLN A 879 22.31 19.25 -7.96
N ALA A 880 22.12 19.18 -9.28
CA ALA A 880 23.11 19.71 -10.21
C ALA A 880 22.98 21.20 -10.43
N LEU A 881 21.84 21.77 -10.02
CA LEU A 881 21.60 23.21 -10.11
C LEU A 881 22.60 23.99 -9.24
N PRO A 882 22.86 25.24 -9.57
CA PRO A 882 23.89 25.99 -8.82
C PRO A 882 23.43 26.33 -7.40
N ASP A 883 24.35 26.16 -6.44
CA ASP A 883 24.12 26.44 -5.01
C ASP A 883 23.08 25.53 -4.39
N VAL A 884 22.75 24.43 -5.06
CA VAL A 884 21.91 23.39 -4.49
C VAL A 884 22.83 22.28 -3.98
N GLU A 885 22.94 22.18 -2.65
CA GLU A 885 23.69 21.08 -2.08
C GLU A 885 22.82 19.82 -1.96
N GLN A 886 21.59 19.94 -1.44
CA GLN A 886 20.68 18.83 -1.30
C GLN A 886 19.36 19.12 -1.99
N ALA A 887 18.69 18.06 -2.44
CA ALA A 887 17.38 18.24 -3.07
C ALA A 887 16.56 16.98 -2.96
N VAL A 888 15.32 17.12 -2.51
CA VAL A 888 14.42 16.00 -2.29
C VAL A 888 13.10 16.26 -3.01
N THR A 889 12.77 15.40 -3.98
CA THR A 889 11.45 15.43 -4.60
C THR A 889 10.50 14.61 -3.75
N HIS A 890 9.27 15.08 -3.65
CA HIS A 890 8.27 14.42 -2.87
C HIS A 890 6.92 14.60 -3.55
N ALA A 891 6.18 13.51 -3.68
CA ALA A 891 4.83 13.56 -4.23
C ALA A 891 3.81 13.70 -3.10
N CYS A 892 2.86 14.61 -3.27
CA CYS A 892 1.84 14.73 -2.23
C CYS A 892 0.63 15.40 -2.83
N VAL A 893 -0.46 15.33 -2.07
CA VAL A 893 -1.67 16.04 -2.42
C VAL A 893 -1.60 17.37 -1.70
N ILE A 894 -1.51 18.44 -2.47
CA ILE A 894 -1.27 19.76 -1.91
C ILE A 894 -2.54 20.32 -1.31
N ASN A 895 -3.68 19.96 -1.90
CA ASN A 895 -4.94 20.61 -1.64
C ASN A 895 -6.01 19.54 -1.59
N GLN A 896 -6.56 19.28 -0.41
CA GLN A 896 -7.57 18.22 -0.33
C GLN A 896 -8.82 18.52 -1.16
N ALA A 897 -9.07 19.76 -1.54
CA ALA A 897 -10.27 20.03 -2.35
C ALA A 897 -10.10 19.62 -3.79
N ALA A 898 -8.89 19.30 -4.19
CA ALA A 898 -8.66 18.85 -5.55
C ALA A 898 -8.68 17.34 -5.67
N ALA A 899 -8.70 16.62 -4.55
CA ALA A 899 -8.84 15.17 -4.58
C ALA A 899 -10.29 14.77 -4.90
N THR A 900 -10.79 15.24 -6.04
CA THR A 900 -12.11 14.83 -6.53
C THR A 900 -12.10 13.37 -6.92
N GLY A 901 -10.94 12.86 -7.32
CA GLY A 901 -10.81 11.49 -7.75
C GLY A 901 -9.73 11.38 -8.78
N GLY A 902 -9.29 10.16 -9.00
CA GLY A 902 -8.03 9.98 -9.67
C GLY A 902 -6.86 10.31 -8.75
N ASP A 903 -5.66 10.15 -9.31
CA ASP A 903 -4.44 10.46 -8.60
C ASP A 903 -4.28 11.97 -8.64
N ALA A 904 -4.30 12.59 -7.49
CA ALA A 904 -4.21 14.05 -7.38
C ALA A 904 -2.85 14.53 -6.89
N ARG A 905 -1.87 13.62 -6.78
CA ARG A 905 -0.57 14.02 -6.31
C ARG A 905 0.11 14.96 -7.31
N GLN A 906 0.97 15.83 -6.80
CA GLN A 906 1.81 16.72 -7.59
C GLN A 906 3.19 16.66 -6.98
N LEU A 907 4.22 16.91 -7.79
CA LEU A 907 5.59 16.79 -7.32
C LEU A 907 6.03 18.09 -6.65
N VAL A 908 6.68 17.98 -5.47
CA VAL A 908 7.21 19.14 -4.73
C VAL A 908 8.70 18.93 -4.46
N GLY A 909 9.52 19.89 -4.89
CA GLY A 909 10.94 19.83 -4.59
C GLY A 909 11.26 20.58 -3.31
N TYR A 910 12.16 20.01 -2.52
CA TYR A 910 12.70 20.62 -1.30
C TYR A 910 14.21 20.83 -1.46
N LEU A 911 14.66 22.07 -1.37
CA LEU A 911 16.06 22.36 -1.63
C LEU A 911 16.76 22.92 -0.38
N VAL A 912 18.02 22.55 -0.21
CA VAL A 912 18.88 23.17 0.78
C VAL A 912 20.04 23.80 0.05
N SER A 913 20.30 25.07 0.32
CA SER A 913 21.33 25.75 -0.43
C SER A 913 22.72 25.45 0.15
N GLN A 914 23.70 25.36 -0.74
CA GLN A 914 25.09 25.14 -0.35
C GLN A 914 25.64 26.34 0.40
N SER A 915 25.34 27.54 -0.10
CA SER A 915 25.82 28.77 0.52
C SER A 915 25.06 29.10 1.79
N GLY A 916 23.84 28.62 1.92
CA GLY A 916 22.99 29.09 2.98
C GLY A 916 22.26 30.37 2.65
N LEU A 917 22.47 30.93 1.48
CA LEU A 917 21.71 32.09 1.07
C LEU A 917 20.37 31.65 0.49
N PRO A 918 19.40 32.56 0.41
CA PRO A 918 18.15 32.23 -0.25
C PRO A 918 18.33 31.99 -1.73
N LEU A 919 17.61 31.00 -2.26
CA LEU A 919 17.68 30.60 -3.66
C LEU A 919 16.52 31.20 -4.47
N ASP A 920 16.79 31.56 -5.74
CA ASP A 920 15.75 32.00 -6.70
C ASP A 920 15.01 30.76 -7.21
N THR A 921 14.08 30.28 -6.38
CA THR A 921 13.30 29.10 -6.70
C THR A 921 12.53 29.25 -8.00
N SER A 922 12.04 30.46 -8.31
CA SER A 922 11.29 30.58 -9.55
C SER A 922 12.23 30.43 -10.76
N ALA A 923 13.44 30.97 -10.67
CA ALA A 923 14.42 30.80 -11.73
C ALA A 923 14.91 29.36 -11.82
N LEU A 924 15.12 28.72 -10.68
CA LEU A 924 15.54 27.32 -10.66
C LEU A 924 14.51 26.43 -11.31
N GLN A 925 13.23 26.65 -11.01
CA GLN A 925 12.18 25.86 -11.65
C GLN A 925 12.09 26.16 -13.15
N ALA A 926 12.37 27.40 -13.55
CA ALA A 926 12.48 27.67 -14.97
C ALA A 926 13.55 26.79 -15.60
N GLN A 927 14.73 26.72 -14.96
CA GLN A 927 15.87 25.98 -15.47
C GLN A 927 15.53 24.52 -15.64
N LEU A 928 14.79 23.97 -14.67
CA LEU A 928 14.47 22.55 -14.74
C LEU A 928 13.65 22.21 -15.99
N ARG A 929 12.88 23.18 -16.51
CA ARG A 929 12.09 22.90 -17.70
C ARG A 929 12.96 22.71 -18.94
N GLU A 930 14.23 23.10 -18.87
CA GLU A 930 15.19 22.87 -19.95
C GLU A 930 15.69 21.41 -19.99
N THR A 931 15.72 20.73 -18.84
CA THR A 931 16.29 19.39 -18.65
C THR A 931 15.20 18.31 -18.63
N LEU A 932 14.02 18.59 -17.81
CA LEU A 932 13.10 17.52 -17.47
C LEU A 932 11.86 17.59 -18.34
N PRO A 933 11.30 16.44 -18.67
CA PRO A 933 9.98 16.43 -19.27
C PRO A 933 9.02 17.17 -18.38
N PRO A 934 8.01 17.84 -18.97
CA PRO A 934 7.15 18.74 -18.19
C PRO A 934 6.48 18.10 -16.99
N HIS A 935 5.87 16.91 -17.11
CA HIS A 935 5.28 16.27 -15.94
C HIS A 935 6.28 15.93 -14.86
N MET A 936 7.57 16.20 -15.06
CA MET A 936 8.57 15.85 -14.05
C MET A 936 9.17 17.07 -13.41
N VAL A 937 8.78 18.25 -13.89
CA VAL A 937 9.16 19.47 -13.18
C VAL A 937 8.25 19.63 -11.97
N PRO A 938 8.81 19.82 -10.79
CA PRO A 938 7.99 20.02 -9.58
C PRO A 938 7.14 21.26 -9.72
N VAL A 939 5.91 21.20 -9.22
CA VAL A 939 5.07 22.39 -9.38
C VAL A 939 5.45 23.48 -8.39
N VAL A 940 6.12 23.12 -7.30
CA VAL A 940 6.56 24.04 -6.25
C VAL A 940 7.94 23.59 -5.81
N LEU A 941 8.86 24.55 -5.66
CA LEU A 941 10.15 24.34 -5.01
C LEU A 941 10.16 25.10 -3.69
N LEU A 942 10.45 24.41 -2.61
CA LEU A 942 10.55 25.04 -1.30
C LEU A 942 11.96 24.86 -0.74
N GLN A 943 12.57 25.94 -0.27
CA GLN A 943 13.90 25.82 0.33
C GLN A 943 13.78 25.66 1.84
N LEU A 944 14.58 24.78 2.39
CA LEU A 944 14.57 24.48 3.82
C LEU A 944 15.93 24.77 4.42
N PRO A 945 15.98 25.20 5.68
CA PRO A 945 17.29 25.35 6.33
C PRO A 945 18.04 24.05 6.43
N GLN A 946 17.33 22.94 6.65
CA GLN A 946 17.95 21.63 6.60
C GLN A 946 16.87 20.61 6.34
N LEU A 947 17.29 19.41 5.99
CA LEU A 947 16.28 18.38 5.74
C LEU A 947 15.88 17.71 7.05
N PRO A 948 14.58 17.39 7.22
CA PRO A 948 14.13 16.81 8.48
C PRO A 948 14.54 15.34 8.59
N LEU A 949 15.06 14.96 9.76
CA LEU A 949 15.60 13.60 9.90
C LEU A 949 14.93 12.83 11.02
N SER A 950 14.61 11.57 10.76
CA SER A 950 14.13 10.64 11.78
C SER A 950 15.26 10.32 12.77
N ALA A 951 14.92 9.57 13.83
CA ALA A 951 15.89 9.27 14.89
C ALA A 951 17.07 8.44 14.37
N ASN A 952 16.82 7.55 13.39
CA ASN A 952 17.88 6.74 12.76
C ASN A 952 18.72 7.52 11.75
N GLY A 953 18.41 8.78 11.51
CA GLY A 953 19.19 9.58 10.60
C GLY A 953 18.72 9.62 9.15
N LYS A 954 17.69 8.83 8.80
CA LYS A 954 17.12 8.84 7.44
C LYS A 954 16.11 9.99 7.29
N LEU A 955 15.78 10.31 6.04
CA LEU A 955 14.86 11.41 5.73
C LEU A 955 13.49 11.14 6.32
N ASP A 956 12.82 12.20 6.80
CA ASP A 956 11.51 12.05 7.46
C ASP A 956 10.45 12.73 6.60
N ARG A 957 10.04 12.05 5.51
CA ARG A 957 9.14 12.70 4.57
C ARG A 957 7.89 13.18 5.26
N LYS A 958 7.45 12.47 6.30
CA LYS A 958 6.23 12.87 7.01
C LYS A 958 6.40 14.25 7.66
N ALA A 959 7.63 14.64 7.94
CA ALA A 959 7.88 16.00 8.45
C ALA A 959 8.00 17.08 7.36
N LEU A 960 7.96 16.71 6.09
CA LEU A 960 8.18 17.69 5.02
C LEU A 960 7.00 18.65 4.90
N PRO A 961 7.20 19.95 5.06
CA PRO A 961 6.07 20.89 5.08
C PRO A 961 5.42 21.00 3.71
N LEU A 962 4.11 21.00 3.73
CA LEU A 962 3.37 21.21 2.51
C LEU A 962 3.54 22.64 2.04
N PRO A 963 3.20 22.91 0.79
CA PRO A 963 3.07 24.31 0.35
C PRO A 963 1.85 25.00 0.97
N GLU A 964 2.04 26.27 1.35
CA GLU A 964 0.93 27.12 1.79
C GLU A 964 0.04 27.49 0.61
N LEU A 965 -1.26 27.46 0.84
CA LEU A 965 -2.20 27.95 -0.15
C LEU A 965 -2.33 29.46 -0.13
N LYS A 966 -1.63 30.12 0.77
CA LYS A 966 -1.65 31.57 0.89
C LYS A 966 -0.23 32.05 0.56
N ALA A 967 -0.05 32.62 -0.62
CA ALA A 967 1.23 33.22 -0.98
C ALA A 967 1.52 34.45 -0.11
N GLN A 968 2.75 34.52 0.43
CA GLN A 968 3.17 35.65 1.26
C GLN A 968 3.48 36.90 0.46
N ALA A 969 3.54 36.81 -0.87
CA ALA A 969 3.84 37.94 -1.75
C ALA A 969 2.68 38.12 -2.72
N PRO A 970 1.61 38.80 -2.30
CA PRO A 970 0.45 38.93 -3.18
C PRO A 970 0.75 39.82 -4.37
N GLY A 971 0.09 39.50 -5.48
CA GLY A 971 0.24 40.23 -6.71
C GLY A 971 -0.94 41.14 -6.98
N ARG A 972 -1.01 41.62 -8.22
CA ARG A 972 -2.13 42.42 -8.65
C ARG A 972 -3.43 41.67 -8.39
N ALA A 973 -4.45 42.39 -7.93
CA ALA A 973 -5.77 41.79 -7.88
C ALA A 973 -6.30 41.57 -9.31
N PRO A 974 -7.23 40.63 -9.50
CA PRO A 974 -7.72 40.33 -10.87
C PRO A 974 -8.59 41.44 -11.45
N LYS A 975 -8.31 41.79 -12.70
CA LYS A 975 -9.03 42.84 -13.41
C LYS A 975 -10.46 42.40 -13.72
N ALA A 976 -11.36 43.38 -13.82
CA ALA A 976 -12.73 43.08 -14.23
C ALA A 976 -12.72 42.29 -15.54
N GLY A 977 -13.69 41.39 -15.68
CA GLY A 977 -13.79 40.61 -16.89
C GLY A 977 -13.31 39.17 -16.73
N SER A 978 -12.54 38.70 -17.69
CA SER A 978 -12.15 37.29 -17.71
C SER A 978 -11.36 36.92 -16.49
N GLU A 979 -10.48 37.82 -16.03
CA GLU A 979 -9.68 37.49 -14.86
C GLU A 979 -10.56 37.27 -13.64
N THR A 980 -11.57 38.11 -13.45
CA THR A 980 -12.47 37.94 -12.31
C THR A 980 -13.23 36.61 -12.39
N ILE A 981 -13.78 36.30 -13.57
CA ILE A 981 -14.44 35.01 -13.80
C ILE A 981 -13.52 33.86 -13.41
N ILE A 982 -12.31 33.88 -13.95
CA ILE A 982 -11.40 32.76 -13.85
C ILE A 982 -10.96 32.55 -12.41
N ALA A 983 -10.53 33.63 -11.76
CA ALA A 983 -10.33 33.60 -10.32
C ALA A 983 -11.47 32.88 -9.62
N ALA A 984 -12.72 33.28 -9.89
CA ALA A 984 -13.86 32.64 -9.27
C ALA A 984 -13.87 31.13 -9.52
N ALA A 985 -13.58 30.72 -10.78
CA ALA A 985 -13.61 29.29 -11.13
C ALA A 985 -12.54 28.50 -10.40
N PHE A 986 -11.33 29.08 -10.27
CA PHE A 986 -10.28 28.47 -9.45
C PHE A 986 -10.77 28.23 -8.03
N SER A 987 -11.33 29.27 -7.41
CA SER A 987 -11.90 29.15 -6.07
C SER A 987 -12.93 28.02 -5.98
N SER A 988 -13.78 27.86 -7.01
CA SER A 988 -14.81 26.81 -7.02
C SER A 988 -14.21 25.44 -6.86
N LEU A 989 -13.05 25.21 -7.46
CA LEU A 989 -12.43 23.90 -7.56
C LEU A 989 -11.29 23.71 -6.57
N LEU A 990 -10.60 24.78 -6.20
CA LEU A 990 -9.49 24.63 -5.27
C LEU A 990 -9.92 24.77 -3.83
N GLY A 991 -11.08 25.38 -3.56
CA GLY A 991 -11.59 25.50 -2.21
C GLY A 991 -10.93 26.57 -1.38
N CYS A 992 -10.62 27.71 -1.97
CA CYS A 992 -10.08 28.83 -1.22
C CYS A 992 -10.34 30.05 -2.09
N ASP A 993 -10.36 31.21 -1.46
CA ASP A 993 -10.60 32.44 -2.20
C ASP A 993 -9.35 32.80 -2.99
N VAL A 994 -9.54 33.17 -4.24
CA VAL A 994 -8.41 33.54 -5.08
C VAL A 994 -8.61 34.98 -5.51
N GLN A 995 -7.80 35.87 -4.94
CA GLN A 995 -7.84 37.30 -5.26
C GLN A 995 -6.50 37.82 -5.74
N ASP A 996 -5.75 36.98 -6.47
CA ASP A 996 -4.41 37.27 -6.96
C ASP A 996 -4.31 36.85 -8.42
N ALA A 997 -4.10 37.82 -9.33
CA ALA A 997 -4.08 37.53 -10.76
C ALA A 997 -2.95 36.58 -11.16
N ASP A 998 -1.87 36.54 -10.38
CA ASP A 998 -0.74 35.67 -10.65
C ASP A 998 -0.75 34.42 -9.78
N ALA A 999 -1.95 33.97 -9.38
CA ALA A 999 -2.12 32.71 -8.66
C ALA A 999 -2.02 31.53 -9.61
N ASP A 1000 -1.30 30.49 -9.20
CA ASP A 1000 -0.97 29.38 -10.07
C ASP A 1000 -1.86 28.17 -9.79
N PHE A 1001 -2.64 27.78 -10.80
CA PHE A 1001 -3.58 26.69 -10.60
C PHE A 1001 -2.90 25.45 -10.05
N PHE A 1002 -1.69 25.15 -10.55
CA PHE A 1002 -1.01 23.93 -10.16
C PHE A 1002 -0.30 24.12 -8.84
N ALA A 1003 0.24 25.31 -8.59
CA ALA A 1003 0.85 25.55 -7.30
C ALA A 1003 -0.18 25.53 -6.18
N LEU A 1004 -1.45 25.83 -6.49
CA LEU A 1004 -2.52 25.81 -5.51
C LEU A 1004 -3.16 24.44 -5.36
N GLY A 1005 -2.57 23.43 -6.00
CA GLY A 1005 -3.04 22.07 -5.87
C GLY A 1005 -3.93 21.59 -7.00
N GLY A 1006 -4.13 22.39 -8.02
CA GLY A 1006 -4.71 21.87 -9.22
C GLY A 1006 -3.82 20.81 -9.85
N HIS A 1007 -4.43 20.03 -10.74
CA HIS A 1007 -3.70 19.00 -11.46
C HIS A 1007 -4.43 18.81 -12.78
N SER A 1008 -3.81 18.03 -13.68
CA SER A 1008 -4.35 17.96 -15.03
C SER A 1008 -5.76 17.38 -15.12
N LEU A 1009 -6.17 16.51 -14.19
CA LEU A 1009 -7.55 16.05 -14.22
C LEU A 1009 -8.49 17.18 -13.78
N LEU A 1010 -8.08 17.91 -12.75
CA LEU A 1010 -8.85 19.07 -12.36
C LEU A 1010 -8.86 20.13 -13.46
N ALA A 1011 -7.78 20.25 -14.24
CA ALA A 1011 -7.82 21.19 -15.37
C ALA A 1011 -8.87 20.81 -16.39
N MET A 1012 -9.20 19.53 -16.50
CA MET A 1012 -10.18 19.15 -17.50
C MET A 1012 -11.57 19.61 -17.08
N LYS A 1013 -11.82 19.63 -15.77
CA LYS A 1013 -13.11 20.11 -15.27
C LYS A 1013 -13.22 21.62 -15.39
N LEU A 1014 -12.11 22.33 -15.13
CA LEU A 1014 -12.04 23.78 -15.30
C LEU A 1014 -12.34 24.17 -16.74
N ALA A 1015 -11.69 23.50 -17.69
CA ALA A 1015 -11.87 23.87 -19.07
C ALA A 1015 -13.33 23.75 -19.48
N ALA A 1016 -14.02 22.73 -18.96
CA ALA A 1016 -15.42 22.55 -19.32
C ALA A 1016 -16.28 23.65 -18.72
N GLN A 1017 -15.97 24.01 -17.46
CA GLN A 1017 -16.73 25.02 -16.74
C GLN A 1017 -16.53 26.39 -17.37
N LEU A 1018 -15.28 26.75 -17.66
CA LEU A 1018 -15.04 28.03 -18.33
C LEU A 1018 -15.69 28.06 -19.70
N SER A 1019 -15.59 26.98 -20.46
CA SER A 1019 -16.25 26.89 -21.74
C SER A 1019 -17.76 27.05 -21.64
N ARG A 1020 -18.36 26.78 -20.47
CA ARG A 1020 -19.76 27.17 -20.28
C ARG A 1020 -19.88 28.66 -19.96
N GLN A 1021 -19.02 29.18 -19.08
CA GLN A 1021 -19.21 30.55 -18.59
C GLN A 1021 -18.86 31.59 -19.65
N VAL A 1022 -18.17 31.20 -20.70
CA VAL A 1022 -18.04 32.05 -21.88
C VAL A 1022 -18.53 31.22 -23.06
N ALA A 1023 -18.99 31.89 -24.10
CA ALA A 1023 -19.37 31.14 -25.30
C ALA A 1023 -18.20 30.34 -25.83
N ARG A 1024 -17.01 30.92 -25.82
CA ARG A 1024 -15.93 30.30 -26.56
C ARG A 1024 -15.42 29.04 -25.85
N GLN A 1025 -14.75 28.17 -26.62
CA GLN A 1025 -14.10 26.99 -26.06
C GLN A 1025 -12.82 27.42 -25.33
N VAL A 1026 -12.53 26.77 -24.21
CA VAL A 1026 -11.17 26.81 -23.68
C VAL A 1026 -10.75 25.38 -23.40
N THR A 1027 -9.49 24.98 -23.90
CA THR A 1027 -9.11 23.59 -23.89
C THR A 1027 -8.35 23.29 -22.61
N PRO A 1028 -8.43 22.06 -22.11
CA PRO A 1028 -7.58 21.71 -20.96
C PRO A 1028 -6.11 21.88 -21.25
N GLY A 1029 -5.69 21.79 -22.52
CA GLY A 1029 -4.30 22.09 -22.86
C GLY A 1029 -3.92 23.54 -22.66
N GLN A 1030 -4.88 24.46 -22.87
CA GLN A 1030 -4.67 25.88 -22.59
C GLN A 1030 -4.51 26.18 -21.09
N VAL A 1031 -5.16 25.40 -20.23
CA VAL A 1031 -4.91 25.56 -18.79
C VAL A 1031 -3.49 25.08 -18.42
N MET A 1032 -2.95 24.07 -19.11
CA MET A 1032 -1.57 23.66 -18.83
C MET A 1032 -0.58 24.77 -19.17
N VAL A 1033 -0.72 25.35 -20.35
CA VAL A 1033 0.26 26.32 -20.80
C VAL A 1033 0.16 27.60 -19.99
N ALA A 1034 -1.03 28.18 -19.96
CA ALA A 1034 -1.28 29.38 -19.19
C ALA A 1034 -1.66 28.94 -17.79
N SER A 1035 -0.65 28.70 -16.97
CA SER A 1035 -0.93 28.08 -15.68
C SER A 1035 -1.70 29.00 -14.72
N THR A 1036 -1.66 30.31 -14.96
CA THR A 1036 -2.07 31.33 -14.01
C THR A 1036 -3.34 32.03 -14.50
N VAL A 1037 -3.98 32.83 -13.63
CA VAL A 1037 -5.18 33.56 -14.06
C VAL A 1037 -4.84 34.54 -15.18
N ALA A 1038 -3.78 35.33 -14.97
CA ALA A 1038 -3.53 36.41 -15.90
C ALA A 1038 -3.17 35.86 -17.27
N LYS A 1039 -2.45 34.73 -17.32
CA LYS A 1039 -2.07 34.18 -18.62
C LYS A 1039 -3.28 33.54 -19.30
N LEU A 1040 -4.02 32.72 -18.54
CA LEU A 1040 -5.22 32.07 -19.07
C LEU A 1040 -6.28 33.06 -19.57
N ALA A 1041 -6.36 34.25 -18.95
CA ALA A 1041 -7.29 35.26 -19.42
C ALA A 1041 -6.88 35.79 -20.78
N THR A 1042 -5.58 36.05 -20.98
CA THR A 1042 -5.19 36.69 -22.24
C THR A 1042 -5.44 35.77 -23.42
N ILE A 1043 -5.43 34.44 -23.19
CA ILE A 1043 -5.67 33.46 -24.24
C ILE A 1043 -7.13 33.48 -24.71
N ILE A 1044 -8.07 33.70 -23.80
CA ILE A 1044 -9.46 33.74 -24.18
C ILE A 1044 -9.97 35.14 -24.51
N ASP A 1045 -9.24 36.19 -24.10
CA ASP A 1045 -9.55 37.57 -24.52
C ASP A 1045 -8.97 37.91 -25.88
N ALA A 1046 -8.16 37.03 -26.47
CA ALA A 1046 -7.54 37.31 -27.75
C ALA A 1046 -8.60 37.51 -28.83
N GLU A 1047 -8.44 38.57 -29.61
CA GLU A 1047 -9.40 38.93 -30.66
C GLU A 1047 -8.67 39.08 -32.00
#